data_6XWQ
#
_entry.id   6XWQ
#
_cell.length_a   1.00
_cell.length_b   1.00
_cell.length_c   1.00
_cell.angle_alpha   90.00
_cell.angle_beta   90.00
_cell.angle_gamma   90.00
#
_symmetry.space_group_name_H-M   'P 1'
#
loop_
_entity.id
_entity.type
_entity.pdbx_description
1 polymer 'Proton/glutamate symporter, SDF family'
2 non-polymer 'ASPARTIC ACID'
#
_entity_poly.entity_id   1
_entity_poly.type   'polypeptide(L)'
_entity_poly.pdbx_seq_one_letter_code
;MGKSLLRRYLDYPVLWKILWGLVLGAVFGLIAGHFGYAGAVKTYIKPFGDLFVRLLKMLVMPIVLASLVVGAASISPARL
GRVGVKIVVYYLATSAMAVFFGLIVGRLFNVGANVNLGSGTGKAIEAQPPSLVQTLLNIVPTNPFASLAKGEVLPVIFFA
IILGIAITYLMNRNEERVRKSAETLLRVFDGLAEAMYLIVGGVMQYAPIGVFALIAYVMAEQGVRVVGPLAKVVGAVYTG
LFLQIVITYFILLKVFGIDPIKFIRKAKDAMITAFVTRSSSGTLPVTMRVAEEEMGVDKGIFSFTLPLGATINMDGTALY
QGVTVLFVANAIGHPLTLGQQLVVVLTAVLASIGTAGVPGAGAIMLAMVLQSVGLDLTPGSPVALAYAMILGIDAILDMG
RTMVNVTGDLAGTVIVAKTEKELDESKWIS
;
_entity_poly.pdbx_strand_id   A,B,C
#
# COMPACT_ATOMS: atom_id res chain seq x y z
N LEU A 5 5.32 -9.75 39.75
CA LEU A 5 5.44 -8.44 40.39
C LEU A 5 5.27 -7.33 39.35
N LEU A 6 4.27 -6.48 39.57
CA LEU A 6 4.00 -5.40 38.64
C LEU A 6 5.13 -4.37 38.67
N ARG A 7 5.55 -3.93 37.47
CA ARG A 7 6.59 -2.94 37.21
C ARG A 7 7.98 -3.50 37.51
N ARG A 8 8.07 -4.68 38.11
CA ARG A 8 9.37 -5.32 38.33
C ARG A 8 9.80 -6.21 37.17
N TYR A 9 8.83 -6.77 36.43
CA TYR A 9 9.15 -7.50 35.21
C TYR A 9 9.94 -6.63 34.25
N LEU A 10 9.49 -5.39 34.05
CA LEU A 10 10.19 -4.48 33.13
C LEU A 10 11.58 -4.13 33.65
N ASP A 11 11.79 -4.24 34.96
CA ASP A 11 13.02 -3.71 35.55
C ASP A 11 14.19 -4.67 35.38
N TYR A 12 13.91 -5.95 35.20
CA TYR A 12 14.99 -6.89 34.91
C TYR A 12 15.63 -6.53 33.58
N PRO A 13 16.95 -6.73 33.43
CA PRO A 13 17.61 -6.38 32.16
C PRO A 13 17.08 -7.20 31.00
N VAL A 14 16.73 -6.53 29.90
CA VAL A 14 16.08 -7.20 28.77
C VAL A 14 16.98 -8.29 28.20
N LEU A 15 18.30 -8.16 28.39
CA LEU A 15 19.20 -9.20 27.93
C LEU A 15 19.12 -10.44 28.81
N TRP A 16 19.35 -10.28 30.11
CA TRP A 16 19.32 -11.43 31.02
C TRP A 16 17.91 -11.99 31.17
N LYS A 17 16.90 -11.13 31.14
CA LYS A 17 15.53 -11.59 31.32
C LYS A 17 15.11 -12.51 30.18
N ILE A 18 15.43 -12.12 28.94
CA ILE A 18 15.00 -12.91 27.79
C ILE A 18 15.76 -14.23 27.75
N LEU A 19 17.03 -14.23 28.18
CA LEU A 19 17.77 -15.47 28.30
C LEU A 19 17.20 -16.34 29.40
N TRP A 20 16.72 -15.72 30.48
CA TRP A 20 16.06 -16.47 31.54
C TRP A 20 14.77 -17.11 31.03
N GLY A 21 14.01 -16.36 30.24
CA GLY A 21 12.82 -16.93 29.62
C GLY A 21 13.13 -18.09 28.71
N LEU A 22 14.19 -17.96 27.90
CA LEU A 22 14.59 -19.05 27.02
C LEU A 22 15.09 -20.27 27.76
N VAL A 23 15.78 -20.09 28.89
CA VAL A 23 16.25 -21.24 29.66
C VAL A 23 15.16 -21.85 30.51
N LEU A 24 14.07 -21.13 30.78
CA LEU A 24 12.90 -21.73 31.41
C LEU A 24 11.97 -22.40 30.40
N GLY A 25 11.93 -21.92 29.16
CA GLY A 25 11.06 -22.50 28.16
C GLY A 25 11.40 -23.95 27.86
N ALA A 26 12.69 -24.29 27.85
CA ALA A 26 13.09 -25.67 27.60
C ALA A 26 12.60 -26.58 28.72
N VAL A 27 12.78 -26.16 29.97
CA VAL A 27 12.32 -26.96 31.11
C VAL A 27 10.82 -27.15 31.06
N PHE A 28 10.08 -26.08 30.73
CA PHE A 28 8.63 -26.21 30.70
C PHE A 28 8.17 -27.08 29.54
N GLY A 29 8.82 -26.96 28.39
CA GLY A 29 8.50 -27.85 27.27
C GLY A 29 8.76 -29.30 27.61
N LEU A 30 9.83 -29.57 28.35
CA LEU A 30 10.11 -30.96 28.74
C LEU A 30 9.09 -31.47 29.76
N ILE A 31 8.70 -30.63 30.72
CA ILE A 31 7.68 -31.08 31.67
C ILE A 31 6.33 -31.26 30.98
N ALA A 32 6.08 -30.50 29.91
CA ALA A 32 4.85 -30.69 29.15
C ALA A 32 4.88 -31.99 28.37
N GLY A 33 5.99 -32.25 27.68
CA GLY A 33 6.17 -33.54 27.03
C GLY A 33 6.05 -34.70 27.99
N HIS A 34 6.47 -34.50 29.24
CA HIS A 34 6.22 -35.50 30.29
C HIS A 34 4.73 -35.67 30.52
N PHE A 35 4.03 -34.56 30.80
CA PHE A 35 2.56 -34.61 30.88
C PHE A 35 1.93 -35.07 29.57
N GLY A 36 2.64 -34.95 28.45
CA GLY A 36 2.06 -35.31 27.17
C GLY A 36 0.94 -34.40 26.72
N TYR A 37 0.78 -33.23 27.35
CA TYR A 37 -0.26 -32.28 26.98
C TYR A 37 0.26 -31.27 25.95
N ALA A 38 0.79 -31.77 24.84
CA ALA A 38 1.28 -30.87 23.80
C ALA A 38 0.14 -30.09 23.16
N GLY A 39 -1.04 -30.68 23.04
CA GLY A 39 -2.18 -29.95 22.51
C GLY A 39 -2.59 -28.80 23.42
N ALA A 40 -2.51 -29.00 24.73
CA ALA A 40 -2.88 -27.95 25.66
C ALA A 40 -1.98 -26.73 25.50
N VAL A 41 -0.68 -26.93 25.37
CA VAL A 41 0.23 -25.80 25.22
C VAL A 41 0.19 -25.26 23.79
N LYS A 42 -0.23 -26.08 22.82
CA LYS A 42 -0.38 -25.57 21.47
C LYS A 42 -1.62 -24.70 21.33
N THR A 43 -2.65 -24.94 22.15
CA THR A 43 -3.86 -24.15 22.11
C THR A 43 -3.83 -22.95 23.05
N TYR A 44 -3.14 -23.07 24.18
CA TYR A 44 -3.14 -21.99 25.17
C TYR A 44 -1.95 -21.05 24.98
N ILE A 45 -0.73 -21.59 25.04
CA ILE A 45 0.47 -20.78 25.13
C ILE A 45 0.99 -20.36 23.76
N LYS A 46 0.92 -21.25 22.76
CA LYS A 46 1.39 -20.92 21.42
C LYS A 46 0.88 -19.59 20.88
N PRO A 47 -0.38 -19.19 21.09
CA PRO A 47 -0.80 -17.85 20.63
C PRO A 47 0.08 -16.72 21.13
N PHE A 48 0.69 -16.85 22.31
CA PHE A 48 1.62 -15.83 22.77
C PHE A 48 2.82 -15.72 21.83
N GLY A 49 3.42 -16.87 21.49
CA GLY A 49 4.54 -16.84 20.57
C GLY A 49 4.16 -16.35 19.19
N ASP A 50 2.96 -16.72 18.73
CA ASP A 50 2.53 -16.25 17.41
C ASP A 50 2.27 -14.75 17.42
N LEU A 51 1.73 -14.22 18.52
CA LEU A 51 1.57 -12.77 18.65
C LEU A 51 2.92 -12.07 18.67
N PHE A 52 3.91 -12.68 19.33
CA PHE A 52 5.25 -12.10 19.34
C PHE A 52 5.85 -12.09 17.94
N VAL A 53 5.64 -13.16 17.18
CA VAL A 53 6.18 -13.22 15.82
C VAL A 53 5.48 -12.19 14.93
N ARG A 54 4.17 -12.02 15.10
CA ARG A 54 3.46 -10.99 14.35
C ARG A 54 3.96 -9.61 14.72
N LEU A 55 4.24 -9.37 16.00
CA LEU A 55 4.80 -8.10 16.43
C LEU A 55 6.14 -7.85 15.74
N LEU A 56 7.01 -8.85 15.72
CA LEU A 56 8.32 -8.68 15.09
C LEU A 56 8.25 -8.65 13.58
N LYS A 57 7.14 -9.08 12.97
CA LYS A 57 6.92 -8.88 11.55
C LYS A 57 6.38 -7.50 11.24
N MET A 58 5.65 -6.89 12.18
CA MET A 58 5.16 -5.54 11.99
C MET A 58 6.30 -4.54 11.80
N LEU A 59 7.44 -4.79 12.44
CA LEU A 59 8.57 -3.86 12.47
C LEU A 59 9.70 -4.28 11.54
N VAL A 60 9.40 -4.72 10.33
CA VAL A 60 10.44 -5.05 9.37
C VAL A 60 10.41 -4.16 8.13
N MET A 61 9.23 -3.73 7.69
CA MET A 61 9.17 -2.82 6.55
C MET A 61 9.37 -1.36 6.96
N PRO A 62 8.66 -0.84 7.97
CA PRO A 62 8.86 0.57 8.34
C PRO A 62 10.27 0.86 8.81
N ILE A 63 10.86 -0.02 9.61
CA ILE A 63 12.22 0.21 10.07
C ILE A 63 13.18 0.23 8.89
N VAL A 64 13.10 -0.76 8.01
CA VAL A 64 14.06 -0.82 6.91
C VAL A 64 13.91 0.43 6.04
N LEU A 65 12.68 0.83 5.73
CA LEU A 65 12.47 2.01 4.89
C LEU A 65 13.03 3.26 5.54
N ALA A 66 12.49 3.61 6.71
CA ALA A 66 12.87 4.86 7.36
C ALA A 66 14.36 4.90 7.69
N SER A 67 14.88 3.82 8.28
CA SER A 67 16.25 3.81 8.73
C SER A 67 17.22 3.82 7.56
N LEU A 68 16.91 3.11 6.47
CA LEU A 68 17.77 3.20 5.29
C LEU A 68 17.77 4.60 4.72
N VAL A 69 16.59 5.25 4.67
CA VAL A 69 16.56 6.63 4.16
C VAL A 69 17.43 7.53 5.02
N VAL A 70 17.28 7.44 6.34
CA VAL A 70 18.01 8.33 7.23
C VAL A 70 19.50 8.07 7.15
N GLY A 71 19.90 6.80 7.15
CA GLY A 71 21.31 6.47 7.04
C GLY A 71 21.92 6.95 5.74
N ALA A 72 21.25 6.68 4.61
CA ALA A 72 21.78 7.08 3.32
C ALA A 72 21.66 8.57 3.06
N ALA A 73 20.91 9.31 3.87
CA ALA A 73 20.84 10.75 3.72
C ALA A 73 21.72 11.50 4.71
N SER A 74 22.17 10.84 5.78
CA SER A 74 23.06 11.45 6.75
C SER A 74 24.54 11.34 6.38
N ILE A 75 24.83 10.88 5.16
CA ILE A 75 26.21 10.67 4.71
C ILE A 75 26.43 11.46 3.42
N SER A 76 27.60 12.07 3.30
CA SER A 76 27.98 12.68 2.03
C SER A 76 28.07 11.60 0.96
N PRO A 77 27.58 11.86 -0.25
CA PRO A 77 27.50 10.81 -1.27
C PRO A 77 28.83 10.18 -1.63
N ALA A 78 29.95 10.89 -1.45
CA ALA A 78 31.25 10.28 -1.70
C ALA A 78 31.57 9.23 -0.63
N ARG A 79 31.50 9.64 0.64
CA ARG A 79 31.67 8.69 1.73
C ARG A 79 30.61 7.61 1.68
N LEU A 80 29.38 7.98 1.30
CA LEU A 80 28.31 6.99 1.19
C LEU A 80 28.64 5.95 0.14
N GLY A 81 29.15 6.37 -1.01
CA GLY A 81 29.51 5.42 -2.04
C GLY A 81 30.67 4.53 -1.62
N ARG A 82 31.69 5.12 -1.01
CA ARG A 82 32.83 4.34 -0.55
C ARG A 82 32.38 3.26 0.43
N VAL A 83 31.61 3.64 1.44
CA VAL A 83 31.15 2.69 2.44
C VAL A 83 30.19 1.68 1.81
N GLY A 84 29.37 2.12 0.85
CA GLY A 84 28.44 1.21 0.22
C GLY A 84 29.14 0.10 -0.54
N VAL A 85 30.15 0.46 -1.33
CA VAL A 85 30.92 -0.57 -2.04
C VAL A 85 31.67 -1.45 -1.05
N LYS A 86 32.39 -0.83 -0.11
CA LYS A 86 33.17 -1.61 0.85
C LYS A 86 32.31 -2.47 1.76
N ILE A 87 31.00 -2.26 1.81
CA ILE A 87 30.14 -3.08 2.64
C ILE A 87 29.41 -4.12 1.79
N VAL A 88 29.09 -3.76 0.54
CA VAL A 88 28.36 -4.69 -0.32
C VAL A 88 29.29 -5.79 -0.81
N VAL A 89 30.52 -5.44 -1.20
CA VAL A 89 31.49 -6.48 -1.56
C VAL A 89 31.70 -7.43 -0.39
N TYR A 90 31.81 -6.89 0.82
CA TYR A 90 31.97 -7.75 1.99
C TYR A 90 30.76 -8.65 2.19
N TYR A 91 29.56 -8.08 2.10
CA TYR A 91 28.34 -8.86 2.31
C TYR A 91 28.28 -10.03 1.33
N LEU A 92 28.50 -9.76 0.05
CA LEU A 92 28.42 -10.82 -0.95
C LEU A 92 29.53 -11.86 -0.76
N ALA A 93 30.75 -11.39 -0.47
CA ALA A 93 31.86 -12.33 -0.28
C ALA A 93 31.62 -13.25 0.90
N THR A 94 31.21 -12.69 2.04
CA THR A 94 30.98 -13.52 3.21
C THR A 94 29.73 -14.39 3.06
N SER A 95 28.74 -13.94 2.30
CA SER A 95 27.58 -14.79 2.06
C SER A 95 27.98 -16.01 1.22
N ALA A 96 28.76 -15.78 0.15
CA ALA A 96 29.23 -16.91 -0.65
C ALA A 96 30.13 -17.82 0.15
N MET A 97 30.98 -17.24 1.01
CA MET A 97 31.86 -18.06 1.85
C MET A 97 31.06 -18.87 2.86
N ALA A 98 29.98 -18.29 3.39
CA ALA A 98 29.12 -19.03 4.32
C ALA A 98 28.42 -20.17 3.62
N VAL A 99 27.93 -19.96 2.40
CA VAL A 99 27.29 -21.03 1.65
C VAL A 99 28.30 -22.13 1.32
N PHE A 100 29.54 -21.75 0.99
CA PHE A 100 30.55 -22.75 0.69
C PHE A 100 30.91 -23.55 1.95
N PHE A 101 31.02 -22.87 3.09
CA PHE A 101 31.29 -23.57 4.34
C PHE A 101 30.14 -24.51 4.71
N GLY A 102 28.91 -24.08 4.42
CA GLY A 102 27.76 -24.95 4.62
C GLY A 102 27.84 -26.20 3.77
N LEU A 103 28.18 -26.04 2.49
CA LEU A 103 28.35 -27.20 1.63
C LEU A 103 29.48 -28.10 2.11
N ILE A 104 30.56 -27.50 2.61
CA ILE A 104 31.69 -28.27 3.14
C ILE A 104 31.25 -29.13 4.31
N VAL A 105 30.66 -28.49 5.33
CA VAL A 105 30.23 -29.24 6.51
C VAL A 105 29.12 -30.23 6.17
N GLY A 106 28.34 -29.96 5.13
CA GLY A 106 27.39 -30.95 4.65
C GLY A 106 28.08 -32.18 4.12
N ARG A 107 29.05 -31.99 3.23
CA ARG A 107 29.80 -33.12 2.70
C ARG A 107 30.56 -33.86 3.80
N LEU A 108 30.89 -33.15 4.88
CA LEU A 108 31.65 -33.78 5.96
C LEU A 108 30.76 -34.64 6.84
N PHE A 109 29.60 -34.13 7.24
CA PHE A 109 28.72 -34.89 8.13
C PHE A 109 27.78 -35.81 7.35
N ASN A 110 27.58 -35.58 6.06
CA ASN A 110 26.69 -36.39 5.24
C ASN A 110 25.28 -36.39 5.81
N VAL A 111 24.68 -35.20 5.81
CA VAL A 111 23.33 -35.05 6.36
C VAL A 111 22.30 -35.71 5.44
N GLY A 112 21.24 -36.25 6.05
CA GLY A 112 20.18 -36.91 5.32
C GLY A 112 20.66 -38.08 4.47
N ALA A 113 21.15 -39.13 5.11
CA ALA A 113 21.72 -40.27 4.41
C ALA A 113 20.83 -41.50 4.41
N ASN A 114 20.06 -41.73 5.48
CA ASN A 114 19.26 -42.93 5.62
C ASN A 114 17.85 -42.60 6.06
N VAL A 115 17.23 -41.63 5.39
CA VAL A 115 15.83 -41.34 5.65
C VAL A 115 14.92 -42.24 4.81
N ASN A 116 15.36 -42.63 3.61
CA ASN A 116 14.64 -43.57 2.75
C ASN A 116 13.26 -43.04 2.36
N LEU A 117 13.19 -41.75 1.99
CA LEU A 117 11.96 -41.23 1.42
C LEU A 117 11.70 -41.83 0.05
N GLY A 118 12.75 -41.99 -0.76
CA GLY A 118 12.66 -42.73 -2.01
C GLY A 118 11.84 -42.08 -3.09
N SER A 119 12.31 -40.94 -3.60
CA SER A 119 11.66 -40.32 -4.75
C SER A 119 11.87 -41.16 -6.00
N GLY A 120 10.82 -41.32 -6.78
CA GLY A 120 10.90 -42.11 -7.99
C GLY A 120 11.84 -41.51 -9.03
N THR A 121 12.12 -42.31 -10.06
CA THR A 121 12.99 -41.88 -11.15
C THR A 121 12.21 -41.07 -12.18
N GLY A 122 11.51 -40.03 -11.72
CA GLY A 122 10.73 -39.19 -12.61
C GLY A 122 11.46 -37.96 -13.06
N LYS A 123 10.89 -36.79 -12.77
CA LYS A 123 11.47 -35.51 -13.18
C LYS A 123 12.71 -35.22 -12.33
N ALA A 124 13.89 -35.45 -12.90
CA ALA A 124 15.14 -35.18 -12.20
C ALA A 124 16.21 -34.51 -13.05
N ILE A 125 16.06 -34.47 -14.38
CA ILE A 125 17.15 -33.96 -15.22
C ILE A 125 17.19 -32.43 -15.21
N GLU A 126 16.04 -31.77 -15.11
CA GLU A 126 16.01 -30.32 -14.97
C GLU A 126 16.56 -29.93 -13.59
N ALA A 127 17.72 -29.28 -13.57
CA ALA A 127 18.41 -29.05 -12.31
C ALA A 127 18.98 -27.65 -12.11
N GLN A 128 19.09 -26.80 -13.14
CA GLN A 128 19.76 -25.51 -13.00
C GLN A 128 19.14 -24.46 -13.93
N PRO A 129 17.97 -23.93 -13.57
CA PRO A 129 17.50 -22.67 -14.17
C PRO A 129 17.80 -21.46 -13.30
N PRO A 130 19.06 -20.98 -13.23
CA PRO A 130 19.34 -19.80 -12.41
C PRO A 130 18.97 -18.52 -13.15
N SER A 131 17.89 -17.87 -12.69
CA SER A 131 17.43 -16.64 -13.33
C SER A 131 18.10 -15.44 -12.67
N LEU A 132 19.41 -15.31 -12.94
CA LEU A 132 20.22 -14.27 -12.32
C LEU A 132 19.73 -12.89 -12.73
N VAL A 133 19.68 -12.62 -14.04
CA VAL A 133 19.41 -11.27 -14.52
C VAL A 133 18.00 -10.83 -14.11
N GLN A 134 17.05 -11.75 -14.05
CA GLN A 134 15.69 -11.35 -13.68
C GLN A 134 15.58 -11.07 -12.19
N THR A 135 16.13 -11.93 -11.35
CA THR A 135 16.09 -11.68 -9.92
C THR A 135 16.99 -10.52 -9.50
N LEU A 136 17.87 -10.07 -10.39
CA LEU A 136 18.62 -8.84 -10.12
C LEU A 136 17.89 -7.60 -10.64
N LEU A 137 17.16 -7.72 -11.75
CA LEU A 137 16.31 -6.63 -12.20
C LEU A 137 15.11 -6.43 -11.29
N ASN A 138 14.76 -7.44 -10.49
CA ASN A 138 13.68 -7.27 -9.52
C ASN A 138 14.09 -6.45 -8.32
N ILE A 139 15.29 -5.86 -8.32
CA ILE A 139 15.71 -5.01 -7.21
C ILE A 139 15.00 -3.67 -7.29
N VAL A 140 15.06 -3.00 -8.43
CA VAL A 140 14.38 -1.73 -8.60
C VAL A 140 12.87 -1.95 -8.57
N PRO A 141 12.15 -1.27 -7.69
CA PRO A 141 10.70 -1.52 -7.59
C PRO A 141 9.94 -0.93 -8.76
N THR A 142 8.95 -1.68 -9.25
CA THR A 142 8.09 -1.15 -10.30
C THR A 142 7.19 -0.05 -9.78
N ASN A 143 6.75 -0.16 -8.52
CA ASN A 143 5.93 0.87 -7.88
C ASN A 143 6.19 0.76 -6.39
N PRO A 144 6.96 1.70 -5.81
CA PRO A 144 7.45 1.49 -4.44
C PRO A 144 6.36 1.29 -3.40
N PHE A 145 5.20 1.94 -3.58
CA PHE A 145 4.11 1.70 -2.64
C PHE A 145 3.60 0.26 -2.72
N ALA A 146 3.60 -0.32 -3.92
CA ALA A 146 3.26 -1.73 -4.06
C ALA A 146 4.27 -2.60 -3.32
N SER A 147 5.56 -2.43 -3.63
CA SER A 147 6.60 -3.20 -2.97
C SER A 147 6.63 -2.98 -1.47
N LEU A 148 6.02 -1.91 -0.97
CA LEU A 148 5.82 -1.76 0.47
C LEU A 148 4.62 -2.57 0.94
N ALA A 149 3.54 -2.57 0.15
CA ALA A 149 2.34 -3.29 0.54
C ALA A 149 2.57 -4.80 0.51
N LYS A 150 2.96 -5.33 -0.65
CA LYS A 150 3.12 -6.78 -0.79
C LYS A 150 4.16 -7.36 0.15
N GLY A 151 5.15 -6.57 0.55
CA GLY A 151 6.10 -7.00 1.56
C GLY A 151 7.51 -7.29 1.07
N GLU A 152 7.81 -7.04 -0.19
CA GLU A 152 9.18 -7.22 -0.67
C GLU A 152 10.12 -6.27 0.05
N VAL A 153 11.28 -6.77 0.43
CA VAL A 153 12.23 -5.99 1.23
C VAL A 153 13.25 -5.30 0.34
N LEU A 154 13.88 -6.03 -0.56
CA LEU A 154 14.96 -5.46 -1.37
C LEU A 154 14.50 -4.29 -2.26
N PRO A 155 13.34 -4.32 -2.91
CA PRO A 155 12.91 -3.11 -3.64
C PRO A 155 12.72 -1.91 -2.74
N VAL A 156 12.16 -2.12 -1.55
CA VAL A 156 12.02 -1.03 -0.60
C VAL A 156 13.39 -0.50 -0.18
N ILE A 157 14.35 -1.40 -0.01
CA ILE A 157 15.71 -0.98 0.34
C ILE A 157 16.30 -0.10 -0.75
N PHE A 158 16.17 -0.53 -2.01
CA PHE A 158 16.72 0.26 -3.11
C PHE A 158 16.05 1.62 -3.20
N PHE A 159 14.72 1.64 -3.10
CA PHE A 159 14.01 2.91 -3.21
C PHE A 159 14.36 3.83 -2.05
N ALA A 160 14.52 3.27 -0.84
CA ALA A 160 14.88 4.09 0.30
C ALA A 160 16.28 4.65 0.16
N ILE A 161 17.22 3.86 -0.37
CA ILE A 161 18.58 4.36 -0.50
C ILE A 161 18.66 5.42 -1.59
N ILE A 162 17.88 5.28 -2.66
CA ILE A 162 17.92 6.31 -3.69
C ILE A 162 17.22 7.57 -3.21
N LEU A 163 16.17 7.44 -2.39
CA LEU A 163 15.56 8.62 -1.80
C LEU A 163 16.51 9.31 -0.82
N GLY A 164 17.27 8.52 -0.07
CA GLY A 164 18.26 9.12 0.82
C GLY A 164 19.33 9.88 0.08
N ILE A 165 19.80 9.32 -1.05
CA ILE A 165 20.79 10.02 -1.85
C ILE A 165 20.20 11.30 -2.44
N ALA A 166 18.97 11.23 -2.94
CA ALA A 166 18.30 12.44 -3.43
C ALA A 166 18.22 13.50 -2.35
N ILE A 167 17.83 13.10 -1.13
CA ILE A 167 17.68 14.07 -0.04
C ILE A 167 19.03 14.68 0.32
N THR A 168 20.08 13.87 0.40
CA THR A 168 21.38 14.44 0.72
C THR A 168 21.95 15.28 -0.41
N TYR A 169 21.44 15.14 -1.64
CA TYR A 169 21.73 16.11 -2.67
C TYR A 169 20.88 17.38 -2.54
N LEU A 170 19.69 17.27 -1.98
CA LEU A 170 18.80 18.42 -1.85
C LEU A 170 19.24 19.41 -0.79
N MET A 171 19.80 18.96 0.32
CA MET A 171 20.17 19.83 1.42
C MET A 171 21.42 20.66 1.12
N ASN A 172 21.90 20.64 -0.12
CA ASN A 172 22.99 21.49 -0.56
C ASN A 172 22.56 22.43 -1.67
N ARG A 173 21.26 22.58 -1.88
CA ARG A 173 20.72 23.41 -2.95
C ARG A 173 20.84 24.89 -2.57
N ASN A 174 20.29 25.75 -3.40
CA ASN A 174 20.36 27.19 -3.19
C ASN A 174 19.02 27.83 -2.83
N GLU A 175 17.91 27.27 -3.30
CA GLU A 175 16.60 27.80 -2.96
C GLU A 175 16.25 27.41 -1.53
N GLU A 176 16.12 28.41 -0.65
CA GLU A 176 15.76 28.13 0.73
C GLU A 176 14.38 27.51 0.86
N ARG A 177 13.58 27.50 -0.21
CA ARG A 177 12.31 26.81 -0.20
C ARG A 177 12.44 25.32 -0.46
N VAL A 178 13.53 24.88 -1.12
CA VAL A 178 13.74 23.47 -1.41
C VAL A 178 14.70 22.81 -0.44
N ARG A 179 15.46 23.59 0.34
CA ARG A 179 16.31 23.01 1.37
C ARG A 179 15.51 22.69 2.62
N LYS A 180 14.67 23.63 3.06
CA LYS A 180 13.85 23.43 4.25
C LYS A 180 12.73 22.42 4.05
N SER A 181 12.50 21.97 2.82
CA SER A 181 11.54 20.89 2.59
C SER A 181 12.21 19.53 2.65
N ALA A 182 13.40 19.41 2.07
CA ALA A 182 14.16 18.17 2.23
C ALA A 182 14.56 17.97 3.68
N GLU A 183 14.92 19.06 4.37
CA GLU A 183 15.21 18.96 5.79
C GLU A 183 14.02 18.42 6.56
N THR A 184 12.82 18.91 6.23
CA THR A 184 11.63 18.46 6.95
C THR A 184 11.29 17.01 6.62
N LEU A 185 11.49 16.59 5.37
CA LEU A 185 11.26 15.20 5.01
C LEU A 185 12.25 14.28 5.73
N LEU A 186 13.51 14.69 5.79
CA LEU A 186 14.51 13.89 6.50
C LEU A 186 14.20 13.81 7.99
N ARG A 187 13.72 14.92 8.58
CA ARG A 187 13.34 14.87 9.99
C ARG A 187 12.11 14.01 10.21
N VAL A 188 11.19 13.97 9.23
CA VAL A 188 10.04 13.07 9.33
C VAL A 188 10.52 11.63 9.38
N PHE A 189 11.37 11.25 8.43
CA PHE A 189 11.84 9.86 8.40
C PHE A 189 12.71 9.53 9.61
N ASP A 190 13.43 10.53 10.15
CA ASP A 190 14.22 10.28 11.36
C ASP A 190 13.32 10.06 12.57
N GLY A 191 12.27 10.88 12.71
CA GLY A 191 11.30 10.64 13.76
C GLY A 191 10.63 9.29 13.62
N LEU A 192 10.37 8.87 12.39
CA LEU A 192 9.79 7.54 12.17
C LEU A 192 10.74 6.44 12.61
N ALA A 193 12.01 6.53 12.22
CA ALA A 193 12.97 5.52 12.61
C ALA A 193 13.16 5.48 14.13
N GLU A 194 13.13 6.64 14.78
CA GLU A 194 13.31 6.65 16.22
C GLU A 194 12.10 6.10 16.95
N ALA A 195 10.90 6.47 16.50
CA ALA A 195 9.70 5.84 17.04
C ALA A 195 9.74 4.33 16.84
N MET A 196 10.29 3.87 15.73
CA MET A 196 10.37 2.43 15.49
C MET A 196 11.37 1.77 16.43
N TYR A 197 12.48 2.45 16.73
CA TYR A 197 13.41 1.89 17.69
C TYR A 197 12.81 1.83 19.09
N LEU A 198 12.02 2.83 19.47
CA LEU A 198 11.30 2.74 20.75
C LEU A 198 10.30 1.59 20.74
N ILE A 199 9.59 1.41 19.62
CA ILE A 199 8.62 0.33 19.53
C ILE A 199 9.32 -1.03 19.63
N VAL A 200 10.50 -1.15 19.02
CA VAL A 200 11.25 -2.39 19.13
C VAL A 200 11.77 -2.59 20.54
N GLY A 201 12.16 -1.52 21.24
CA GLY A 201 12.49 -1.66 22.64
C GLY A 201 11.35 -2.21 23.46
N GLY A 202 10.13 -1.72 23.20
CA GLY A 202 8.96 -2.25 23.88
C GLY A 202 8.72 -3.71 23.55
N VAL A 203 8.75 -4.04 22.26
CA VAL A 203 8.55 -5.42 21.82
C VAL A 203 9.60 -6.34 22.43
N MET A 204 10.83 -5.84 22.60
CA MET A 204 11.87 -6.66 23.19
C MET A 204 11.68 -6.83 24.69
N GLN A 205 11.18 -5.81 25.38
CA GLN A 205 10.85 -5.99 26.78
C GLN A 205 9.69 -6.97 26.95
N TYR A 206 8.83 -7.07 25.95
CA TYR A 206 7.80 -8.11 25.89
C TYR A 206 8.35 -9.47 25.48
N ALA A 207 9.49 -9.48 24.78
CA ALA A 207 9.97 -10.70 24.13
C ALA A 207 10.29 -11.86 25.05
N PRO A 208 10.63 -11.68 26.33
CA PRO A 208 10.81 -12.88 27.18
C PRO A 208 9.57 -13.76 27.26
N ILE A 209 8.38 -13.17 27.43
CA ILE A 209 7.17 -13.98 27.50
C ILE A 209 6.84 -14.58 26.15
N GLY A 210 7.32 -13.96 25.07
CA GLY A 210 7.09 -14.53 23.75
C GLY A 210 8.03 -15.68 23.44
N VAL A 211 9.28 -15.59 23.91
CA VAL A 211 10.23 -16.68 23.74
C VAL A 211 9.83 -17.86 24.62
N PHE A 212 9.38 -17.60 25.85
CA PHE A 212 8.90 -18.68 26.70
C PHE A 212 7.68 -19.37 26.11
N ALA A 213 7.02 -18.76 25.12
CA ALA A 213 5.95 -19.44 24.40
C ALA A 213 6.47 -20.18 23.18
N LEU A 214 7.26 -19.49 22.35
CA LEU A 214 7.78 -20.09 21.13
C LEU A 214 8.60 -21.34 21.44
N ILE A 215 9.64 -21.21 22.26
CA ILE A 215 10.53 -22.35 22.49
C ILE A 215 9.82 -23.42 23.30
N ALA A 216 8.88 -23.05 24.16
CA ALA A 216 8.17 -24.06 24.93
C ALA A 216 7.25 -24.90 24.05
N TYR A 217 6.52 -24.24 23.13
CA TYR A 217 5.72 -25.00 22.18
C TYR A 217 6.59 -25.87 21.29
N VAL A 218 7.71 -25.31 20.83
CA VAL A 218 8.62 -26.08 19.96
C VAL A 218 9.12 -27.32 20.69
N MET A 219 9.50 -27.17 21.96
CA MET A 219 9.93 -28.31 22.76
C MET A 219 8.79 -29.32 22.93
N ALA A 220 7.70 -28.89 23.57
CA ALA A 220 6.60 -29.80 23.87
C ALA A 220 6.05 -30.50 22.64
N GLU A 221 6.20 -29.90 21.45
CA GLU A 221 5.76 -30.56 20.23
C GLU A 221 6.87 -31.44 19.64
N GLN A 222 8.12 -31.01 19.72
CA GLN A 222 9.26 -31.76 19.20
C GLN A 222 10.16 -32.29 20.31
N GLY A 223 9.60 -32.54 21.49
CA GLY A 223 10.37 -33.09 22.59
C GLY A 223 11.00 -34.44 22.30
N VAL A 224 10.42 -35.19 21.37
CA VAL A 224 10.97 -36.46 20.92
C VAL A 224 11.33 -36.44 19.43
N ARG A 225 11.13 -35.30 18.77
CA ARG A 225 11.42 -35.17 17.34
C ARG A 225 12.83 -34.66 17.07
N VAL A 226 13.75 -34.87 18.01
CA VAL A 226 15.14 -34.45 17.83
C VAL A 226 16.04 -35.65 18.07
N VAL A 227 15.52 -36.85 17.83
CA VAL A 227 16.26 -38.08 18.05
C VAL A 227 16.67 -38.75 16.74
N GLY A 228 15.86 -38.58 15.69
CA GLY A 228 16.12 -39.23 14.42
C GLY A 228 17.27 -38.59 13.65
N PRO A 229 17.22 -38.74 12.32
CA PRO A 229 18.31 -38.19 11.48
C PRO A 229 18.38 -36.66 11.52
N LEU A 230 17.39 -36.03 12.14
CA LEU A 230 17.44 -34.58 12.30
C LEU A 230 18.52 -34.17 13.30
N ALA A 231 18.98 -35.10 14.14
CA ALA A 231 20.11 -34.81 15.02
C ALA A 231 21.34 -34.42 14.22
N LYS A 232 21.61 -35.13 13.12
CA LYS A 232 22.74 -34.78 12.28
C LYS A 232 22.56 -33.40 11.66
N VAL A 233 21.34 -33.03 11.28
CA VAL A 233 21.13 -31.72 10.69
C VAL A 233 21.35 -30.62 11.72
N VAL A 234 20.83 -30.81 12.94
CA VAL A 234 20.96 -29.78 13.96
C VAL A 234 22.36 -29.74 14.55
N GLY A 235 23.14 -30.81 14.41
CA GLY A 235 24.52 -30.78 14.85
C GLY A 235 25.47 -30.43 13.73
N ALA A 236 24.94 -30.35 12.51
CA ALA A 236 25.70 -29.89 11.36
C ALA A 236 25.54 -28.39 11.15
N VAL A 237 24.34 -27.86 11.34
CA VAL A 237 24.15 -26.42 11.16
C VAL A 237 24.88 -25.62 12.22
N TYR A 238 24.89 -26.12 13.47
CA TYR A 238 25.61 -25.40 14.52
C TYR A 238 27.12 -25.48 14.31
N THR A 239 27.63 -26.64 13.90
CA THR A 239 29.05 -26.74 13.61
C THR A 239 29.41 -25.87 12.41
N GLY A 240 28.53 -25.80 11.41
CA GLY A 240 28.78 -24.91 10.29
C GLY A 240 28.80 -23.45 10.70
N LEU A 241 27.90 -23.05 11.59
CA LEU A 241 27.88 -21.66 12.05
C LEU A 241 29.11 -21.33 12.87
N PHE A 242 29.52 -22.24 13.76
CA PHE A 242 30.73 -22.01 14.55
C PHE A 242 31.96 -21.93 13.66
N LEU A 243 32.04 -22.83 12.66
CA LEU A 243 33.15 -22.78 11.73
C LEU A 243 33.14 -21.49 10.92
N GLN A 244 31.97 -21.11 10.41
CA GLN A 244 31.78 -19.83 9.74
C GLN A 244 32.38 -18.70 10.56
N ILE A 245 31.94 -18.57 11.81
CA ILE A 245 32.44 -17.49 12.67
C ILE A 245 33.95 -17.56 12.79
N VAL A 246 34.46 -18.66 13.34
CA VAL A 246 35.84 -18.72 13.82
C VAL A 246 36.83 -18.83 12.66
N ILE A 247 36.33 -19.02 11.43
CA ILE A 247 37.24 -19.19 10.30
C ILE A 247 37.12 -18.03 9.32
N THR A 248 35.98 -17.35 9.27
CA THR A 248 35.84 -16.19 8.42
C THR A 248 35.98 -14.88 9.18
N TYR A 249 35.18 -14.69 10.23
CA TYR A 249 35.20 -13.42 10.95
C TYR A 249 36.52 -13.24 11.67
N PHE A 250 37.07 -14.32 12.23
CA PHE A 250 38.37 -14.22 12.89
C PHE A 250 39.45 -13.81 11.90
N ILE A 251 39.52 -14.48 10.76
CA ILE A 251 40.52 -14.12 9.74
C ILE A 251 40.37 -12.66 9.35
N LEU A 252 39.16 -12.24 9.01
CA LEU A 252 38.94 -10.86 8.56
C LEU A 252 39.37 -9.86 9.63
N LEU A 253 38.80 -9.97 10.83
CA LEU A 253 39.07 -9.01 11.89
C LEU A 253 40.57 -8.98 12.23
N LYS A 254 41.19 -10.16 12.38
CA LYS A 254 42.59 -10.20 12.75
C LYS A 254 43.48 -9.61 11.66
N VAL A 255 43.12 -9.84 10.39
CA VAL A 255 43.87 -9.24 9.28
C VAL A 255 43.77 -7.72 9.34
N PHE A 256 42.55 -7.20 9.49
CA PHE A 256 42.36 -5.77 9.40
C PHE A 256 42.84 -5.02 10.65
N GLY A 257 43.14 -5.72 11.75
CA GLY A 257 43.75 -5.08 12.89
C GLY A 257 43.08 -5.32 14.23
N ILE A 258 41.75 -5.34 14.26
CA ILE A 258 41.02 -5.59 15.49
C ILE A 258 41.23 -7.03 15.95
N ASP A 259 41.34 -7.21 17.26
CA ASP A 259 41.45 -8.55 17.82
C ASP A 259 40.07 -9.19 17.90
N PRO A 260 39.88 -10.38 17.33
CA PRO A 260 38.53 -10.96 17.29
C PRO A 260 38.01 -11.41 18.64
N ILE A 261 38.90 -11.81 19.55
CA ILE A 261 38.46 -12.15 20.91
C ILE A 261 37.71 -10.98 21.51
N LYS A 262 38.30 -9.78 21.43
CA LYS A 262 37.61 -8.58 21.89
C LYS A 262 36.33 -8.34 21.12
N PHE A 263 36.32 -8.67 19.83
CA PHE A 263 35.11 -8.50 19.03
C PHE A 263 33.94 -9.30 19.61
N ILE A 264 34.17 -10.59 19.87
CA ILE A 264 33.11 -11.41 20.45
C ILE A 264 32.78 -10.94 21.86
N ARG A 265 33.80 -10.64 22.66
CA ARG A 265 33.56 -10.24 24.04
C ARG A 265 32.74 -8.96 24.13
N LYS A 266 32.82 -8.11 23.11
CA LYS A 266 32.04 -6.88 23.09
C LYS A 266 30.69 -7.06 22.43
N ALA A 267 30.59 -7.94 21.44
CA ALA A 267 29.34 -8.14 20.71
C ALA A 267 28.41 -9.14 21.36
N LYS A 268 28.86 -9.87 22.39
CA LYS A 268 28.02 -10.91 22.98
C LYS A 268 26.69 -10.37 23.49
N ASP A 269 26.66 -9.11 23.94
CA ASP A 269 25.44 -8.54 24.49
C ASP A 269 24.37 -8.32 23.44
N ALA A 270 24.70 -8.43 22.16
CA ALA A 270 23.71 -8.47 21.09
C ALA A 270 23.63 -9.81 20.41
N MET A 271 24.73 -10.57 20.36
CA MET A 271 24.70 -11.93 19.87
C MET A 271 23.69 -12.77 20.65
N ILE A 272 23.71 -12.64 21.98
CA ILE A 272 22.79 -13.44 22.81
C ILE A 272 21.35 -13.04 22.55
N THR A 273 21.09 -11.73 22.41
CA THR A 273 19.72 -11.28 22.17
C THR A 273 19.22 -11.77 20.81
N ALA A 274 20.06 -11.70 19.78
CA ALA A 274 19.68 -12.23 18.48
C ALA A 274 19.47 -13.74 18.54
N PHE A 275 20.31 -14.44 19.29
CA PHE A 275 20.15 -15.87 19.49
C PHE A 275 18.79 -16.20 20.06
N VAL A 276 18.39 -15.46 21.10
CA VAL A 276 17.16 -15.80 21.81
C VAL A 276 15.93 -15.38 21.00
N THR A 277 15.92 -14.16 20.50
CA THR A 277 14.75 -13.62 19.80
C THR A 277 14.64 -14.10 18.36
N ARG A 278 15.66 -14.81 17.86
CA ARG A 278 15.73 -15.36 16.50
C ARG A 278 15.11 -14.44 15.45
N SER A 279 15.61 -13.21 15.37
CA SER A 279 15.09 -12.24 14.40
C SER A 279 16.14 -11.15 14.21
N SER A 280 16.54 -10.92 12.95
CA SER A 280 17.55 -9.90 12.68
C SER A 280 16.97 -8.50 12.78
N SER A 281 15.93 -8.22 12.00
CA SER A 281 15.34 -6.88 11.94
C SER A 281 14.62 -6.50 13.23
N GLY A 282 14.60 -7.37 14.24
CA GLY A 282 14.05 -7.05 15.53
C GLY A 282 15.06 -6.74 16.60
N THR A 283 16.35 -6.73 16.27
CA THR A 283 17.40 -6.42 17.24
C THR A 283 18.28 -5.27 16.79
N LEU A 284 17.79 -4.44 15.88
CA LEU A 284 18.58 -3.28 15.44
C LEU A 284 18.93 -2.31 16.56
N PRO A 285 18.03 -1.94 17.48
CA PRO A 285 18.45 -1.05 18.57
C PRO A 285 19.58 -1.63 19.40
N VAL A 286 19.52 -2.92 19.74
CA VAL A 286 20.56 -3.51 20.58
C VAL A 286 21.89 -3.54 19.84
N THR A 287 21.89 -3.96 18.57
CA THR A 287 23.16 -4.03 17.85
C THR A 287 23.73 -2.64 17.59
N MET A 288 22.87 -1.63 17.39
CA MET A 288 23.39 -0.29 17.16
C MET A 288 23.92 0.32 18.45
N ARG A 289 23.24 0.08 19.58
CA ARG A 289 23.72 0.56 20.87
C ARG A 289 24.89 -0.24 21.41
N VAL A 290 25.21 -1.38 20.81
CA VAL A 290 26.46 -2.07 21.14
C VAL A 290 27.55 -1.75 20.13
N ALA A 291 27.20 -1.25 18.94
CA ALA A 291 28.21 -0.76 18.01
C ALA A 291 28.68 0.64 18.37
N GLU A 292 27.80 1.48 18.90
CA GLU A 292 28.16 2.85 19.27
C GLU A 292 28.80 2.93 20.65
N GLU A 293 28.10 2.46 21.68
CA GLU A 293 28.61 2.63 23.04
C GLU A 293 29.79 1.70 23.33
N GLU A 294 29.83 0.52 22.71
CA GLU A 294 30.85 -0.48 23.02
C GLU A 294 31.85 -0.65 21.90
N MET A 295 31.41 -0.94 20.68
CA MET A 295 32.33 -1.08 19.57
C MET A 295 32.98 0.25 19.21
N GLY A 296 32.22 1.34 19.28
CA GLY A 296 32.77 2.66 19.04
C GLY A 296 32.95 3.02 17.58
N VAL A 297 31.86 3.11 16.84
CA VAL A 297 31.88 3.53 15.45
C VAL A 297 30.93 4.71 15.30
N ASP A 298 31.35 5.73 14.55
CA ASP A 298 30.58 6.97 14.46
C ASP A 298 29.28 6.73 13.70
N LYS A 299 28.37 7.70 13.80
CA LYS A 299 27.02 7.55 13.25
C LYS A 299 27.04 7.24 11.76
N GLY A 300 28.00 7.81 11.03
CA GLY A 300 28.01 7.65 9.58
C GLY A 300 28.17 6.22 9.13
N ILE A 301 28.87 5.42 9.94
CA ILE A 301 29.20 4.06 9.50
C ILE A 301 28.17 3.06 10.01
N PHE A 302 27.65 3.26 11.22
CA PHE A 302 26.76 2.29 11.83
C PHE A 302 25.29 2.72 11.76
N SER A 303 24.98 3.85 11.14
CA SER A 303 23.60 4.22 10.90
C SER A 303 23.13 3.84 9.50
N PHE A 304 24.03 3.31 8.67
CA PHE A 304 23.68 2.82 7.34
C PHE A 304 23.98 1.33 7.19
N THR A 305 25.21 0.91 7.51
CA THR A 305 25.61 -0.48 7.28
C THR A 305 24.79 -1.45 8.12
N LEU A 306 24.66 -1.17 9.41
CA LEU A 306 23.92 -2.07 10.30
C LEU A 306 22.43 -2.08 9.99
N PRO A 307 21.81 -0.95 9.63
CA PRO A 307 20.44 -1.03 9.11
C PRO A 307 20.34 -1.81 7.81
N LEU A 308 21.39 -1.78 7.00
CA LEU A 308 21.42 -2.56 5.77
C LEU A 308 21.74 -4.02 6.06
N GLY A 309 22.84 -4.26 6.78
CA GLY A 309 23.27 -5.62 7.06
C GLY A 309 22.21 -6.47 7.73
N ALA A 310 21.33 -5.85 8.52
CA ALA A 310 20.30 -6.61 9.22
C ALA A 310 19.13 -7.00 8.32
N THR A 311 19.23 -6.76 7.01
CA THR A 311 18.20 -7.20 6.08
C THR A 311 18.74 -7.89 4.84
N ILE A 312 19.98 -7.63 4.41
CA ILE A 312 20.56 -8.29 3.25
C ILE A 312 21.75 -9.17 3.64
N ASN A 313 22.54 -8.76 4.62
CA ASN A 313 23.69 -9.56 5.05
C ASN A 313 23.19 -10.67 5.96
N MET A 314 22.97 -11.84 5.39
CA MET A 314 22.50 -13.01 6.14
C MET A 314 23.44 -14.17 5.88
N ASP A 315 24.43 -14.34 6.76
CA ASP A 315 25.36 -15.46 6.64
C ASP A 315 24.79 -16.72 7.28
N GLY A 316 24.17 -16.58 8.45
CA GLY A 316 23.58 -17.74 9.10
C GLY A 316 22.48 -18.37 8.26
N THR A 317 21.55 -17.56 7.78
CA THR A 317 20.47 -18.08 6.93
C THR A 317 21.03 -18.67 5.64
N ALA A 318 22.08 -18.06 5.09
CA ALA A 318 22.69 -18.59 3.87
C ALA A 318 23.30 -19.97 4.11
N LEU A 319 24.02 -20.13 5.23
CA LEU A 319 24.58 -21.45 5.55
C LEU A 319 23.48 -22.46 5.85
N TYR A 320 22.42 -22.03 6.51
CA TYR A 320 21.30 -22.93 6.79
C TYR A 320 20.68 -23.43 5.49
N GLN A 321 20.44 -22.53 4.54
CA GLN A 321 19.91 -22.95 3.25
C GLN A 321 20.89 -23.84 2.50
N GLY A 322 22.19 -23.51 2.57
CA GLY A 322 23.19 -24.32 1.88
C GLY A 322 23.24 -25.75 2.38
N VAL A 323 23.13 -25.92 3.70
CA VAL A 323 23.14 -27.28 4.23
C VAL A 323 21.80 -27.97 4.01
N THR A 324 20.69 -27.22 4.05
CA THR A 324 19.38 -27.84 3.93
C THR A 324 19.10 -28.31 2.50
N VAL A 325 19.57 -27.56 1.50
CA VAL A 325 19.41 -27.99 0.12
C VAL A 325 20.16 -29.30 -0.11
N LEU A 326 21.40 -29.38 0.39
CA LEU A 326 22.15 -30.63 0.25
C LEU A 326 21.50 -31.75 1.03
N PHE A 327 20.91 -31.45 2.19
CA PHE A 327 20.20 -32.46 2.95
C PHE A 327 19.03 -33.04 2.15
N VAL A 328 18.16 -32.17 1.65
CA VAL A 328 16.99 -32.62 0.91
C VAL A 328 17.37 -33.27 -0.42
N ALA A 329 18.54 -32.92 -0.97
CA ALA A 329 18.99 -33.60 -2.17
C ALA A 329 19.53 -34.99 -1.86
N ASN A 330 20.20 -35.14 -0.71
CA ASN A 330 20.70 -36.44 -0.29
C ASN A 330 19.60 -37.36 0.22
N ALA A 331 18.48 -36.81 0.68
CA ALA A 331 17.42 -37.62 1.24
C ALA A 331 16.71 -38.43 0.16
N ILE A 332 16.37 -37.79 -0.96
CA ILE A 332 15.65 -38.44 -2.04
C ILE A 332 16.60 -38.99 -3.11
N GLY A 333 17.90 -39.04 -2.82
CA GLY A 333 18.83 -39.77 -3.66
C GLY A 333 19.39 -39.02 -4.86
N HIS A 334 19.81 -37.77 -4.67
CA HIS A 334 20.46 -37.00 -5.73
C HIS A 334 21.48 -36.06 -5.10
N PRO A 335 22.66 -36.57 -4.73
CA PRO A 335 23.72 -35.70 -4.22
C PRO A 335 24.19 -34.72 -5.29
N LEU A 336 24.34 -33.46 -4.90
CA LEU A 336 24.73 -32.42 -5.85
C LEU A 336 26.18 -32.61 -6.27
N THR A 337 26.54 -31.95 -7.38
CA THR A 337 27.86 -32.04 -7.97
C THR A 337 28.52 -30.66 -7.98
N LEU A 338 29.67 -30.58 -8.65
CA LEU A 338 30.43 -29.32 -8.68
C LEU A 338 29.62 -28.20 -9.34
N GLY A 339 28.99 -28.50 -10.49
CA GLY A 339 28.15 -27.48 -11.12
C GLY A 339 26.93 -27.15 -10.28
N GLN A 340 26.30 -28.16 -9.70
CA GLN A 340 25.18 -27.91 -8.81
C GLN A 340 25.63 -27.13 -7.58
N GLN A 341 26.86 -27.39 -7.09
CA GLN A 341 27.39 -26.61 -5.99
C GLN A 341 27.59 -25.16 -6.39
N LEU A 342 28.13 -24.91 -7.58
CA LEU A 342 28.39 -23.56 -8.05
C LEU A 342 27.14 -22.83 -8.53
N VAL A 343 26.01 -23.54 -8.64
CA VAL A 343 24.76 -22.83 -8.92
C VAL A 343 24.00 -22.61 -7.61
N VAL A 344 24.16 -23.51 -6.64
CA VAL A 344 23.47 -23.30 -5.38
C VAL A 344 24.16 -22.22 -4.57
N VAL A 345 25.49 -22.08 -4.68
CA VAL A 345 26.15 -20.97 -4.02
C VAL A 345 25.71 -19.65 -4.63
N LEU A 346 25.34 -19.66 -5.92
CA LEU A 346 24.88 -18.45 -6.58
C LEU A 346 23.45 -18.11 -6.23
N THR A 347 22.59 -19.11 -6.06
CA THR A 347 21.19 -18.84 -5.77
C THR A 347 20.87 -18.71 -4.28
N ALA A 348 21.68 -19.30 -3.40
CA ALA A 348 21.45 -19.15 -1.97
C ALA A 348 21.71 -17.72 -1.52
N VAL A 349 22.70 -17.06 -2.12
CA VAL A 349 22.95 -15.66 -1.83
C VAL A 349 21.72 -14.81 -2.12
N LEU A 350 21.19 -14.95 -3.35
CA LEU A 350 20.04 -14.16 -3.76
C LEU A 350 18.74 -14.64 -3.14
N ALA A 351 18.73 -15.80 -2.48
CA ALA A 351 17.55 -16.24 -1.75
C ALA A 351 17.58 -15.88 -0.27
N SER A 352 18.78 -15.69 0.29
CA SER A 352 18.89 -15.22 1.68
C SER A 352 18.90 -13.71 1.77
N ILE A 353 19.43 -13.03 0.76
CA ILE A 353 19.46 -11.57 0.78
C ILE A 353 18.04 -11.01 0.76
N GLY A 354 17.18 -11.56 -0.10
CA GLY A 354 15.80 -11.12 -0.18
C GLY A 354 14.90 -11.57 0.94
N THR A 355 15.47 -12.13 2.01
CA THR A 355 14.69 -12.60 3.15
C THR A 355 14.50 -11.46 4.14
N ALA A 356 13.28 -11.34 4.67
CA ALA A 356 13.01 -10.35 5.70
C ALA A 356 13.67 -10.78 7.02
N GLY A 357 13.85 -9.80 7.90
CA GLY A 357 14.46 -10.08 9.19
C GLY A 357 13.45 -10.45 10.26
N VAL A 358 12.62 -11.44 9.96
CA VAL A 358 11.57 -11.87 10.88
C VAL A 358 11.77 -13.36 11.14
N PRO A 359 11.34 -13.86 12.30
CA PRO A 359 11.51 -15.28 12.60
C PRO A 359 10.81 -16.16 11.57
N GLY A 360 11.34 -17.37 11.39
CA GLY A 360 10.73 -18.35 10.52
C GLY A 360 10.75 -18.02 9.05
N ALA A 361 11.45 -16.96 8.64
CA ALA A 361 11.53 -16.60 7.23
C ALA A 361 12.69 -17.26 6.51
N GLY A 362 13.55 -17.98 7.23
CA GLY A 362 14.61 -18.73 6.58
C GLY A 362 14.17 -20.05 5.99
N ALA A 363 13.02 -20.56 6.43
CA ALA A 363 12.43 -21.76 5.83
C ALA A 363 11.50 -21.40 4.68
N ILE A 364 10.82 -20.26 4.77
CA ILE A 364 9.96 -19.82 3.67
C ILE A 364 10.78 -19.62 2.40
N MET A 365 11.88 -18.88 2.49
CA MET A 365 12.73 -18.65 1.33
C MET A 365 13.49 -19.89 0.90
N LEU A 366 13.47 -20.97 1.70
CA LEU A 366 14.04 -22.23 1.24
C LEU A 366 13.30 -22.76 0.03
N ALA A 367 12.06 -22.33 -0.19
CA ALA A 367 11.34 -22.70 -1.40
C ALA A 367 12.02 -22.12 -2.63
N MET A 368 12.38 -20.84 -2.57
CA MET A 368 12.96 -20.14 -3.71
C MET A 368 14.36 -20.65 -4.05
N VAL A 369 14.90 -21.55 -3.23
CA VAL A 369 16.15 -22.21 -3.56
C VAL A 369 15.95 -23.70 -3.86
N LEU A 370 14.92 -24.33 -3.31
CA LEU A 370 14.58 -25.69 -3.76
C LEU A 370 13.99 -25.66 -5.15
N GLN A 371 13.07 -24.72 -5.42
CA GLN A 371 12.60 -24.50 -6.78
C GLN A 371 13.72 -24.06 -7.71
N SER A 372 14.80 -23.50 -7.16
CA SER A 372 15.91 -23.05 -7.98
C SER A 372 16.69 -24.23 -8.54
N VAL A 373 17.23 -25.08 -7.67
CA VAL A 373 18.04 -26.22 -8.11
C VAL A 373 17.08 -27.39 -8.29
N GLY A 374 16.44 -27.43 -9.46
CA GLY A 374 15.75 -28.62 -9.91
C GLY A 374 14.46 -29.00 -9.20
N LEU A 375 14.50 -29.03 -7.87
CA LEU A 375 13.44 -29.66 -7.09
C LEU A 375 12.11 -28.93 -7.24
N ASP A 376 11.05 -29.63 -6.87
CA ASP A 376 9.69 -29.12 -6.87
C ASP A 376 9.21 -28.93 -5.44
N LEU A 377 7.95 -28.49 -5.29
CA LEU A 377 7.40 -28.19 -3.98
C LEU A 377 5.97 -28.68 -3.80
N THR A 378 5.42 -29.47 -4.72
CA THR A 378 4.04 -29.92 -4.59
C THR A 378 3.92 -30.88 -3.41
N PRO A 379 2.79 -30.85 -2.68
CA PRO A 379 2.65 -31.72 -1.50
C PRO A 379 2.64 -33.21 -1.81
N GLY A 380 2.57 -33.59 -3.08
CA GLY A 380 2.56 -35.00 -3.41
C GLY A 380 3.93 -35.65 -3.39
N SER A 381 4.98 -34.87 -3.66
CA SER A 381 6.32 -35.41 -3.70
C SER A 381 6.88 -35.63 -2.29
N PRO A 382 7.82 -36.56 -2.12
CA PRO A 382 8.48 -36.70 -0.81
C PRO A 382 9.26 -35.47 -0.39
N VAL A 383 9.58 -34.58 -1.33
CA VAL A 383 10.26 -33.34 -0.98
C VAL A 383 9.39 -32.51 -0.05
N ALA A 384 8.07 -32.65 -0.14
CA ALA A 384 7.19 -32.02 0.83
C ALA A 384 7.41 -32.59 2.22
N LEU A 385 7.61 -33.91 2.32
CA LEU A 385 7.87 -34.52 3.61
C LEU A 385 9.19 -34.06 4.19
N ALA A 386 10.23 -33.99 3.35
CA ALA A 386 11.52 -33.48 3.82
C ALA A 386 11.40 -32.01 4.24
N TYR A 387 10.63 -31.23 3.48
CA TYR A 387 10.43 -29.82 3.82
C TYR A 387 9.73 -29.68 5.17
N ALA A 388 8.75 -30.55 5.45
CA ALA A 388 8.09 -30.51 6.74
C ALA A 388 9.03 -30.94 7.86
N MET A 389 9.85 -31.97 7.61
CA MET A 389 10.78 -32.42 8.63
C MET A 389 11.89 -31.39 8.89
N ILE A 390 12.14 -30.50 7.94
CA ILE A 390 13.06 -29.39 8.19
C ILE A 390 12.35 -28.27 8.95
N LEU A 391 11.17 -27.86 8.46
CA LEU A 391 10.38 -26.85 9.16
C LEU A 391 10.09 -27.24 10.60
N GLY A 392 10.21 -28.53 10.93
CA GLY A 392 10.14 -28.97 12.31
C GLY A 392 11.16 -28.29 13.20
N ILE A 393 12.45 -28.45 12.92
CA ILE A 393 13.51 -27.89 13.74
C ILE A 393 13.96 -26.55 13.16
N ASP A 394 13.14 -25.99 12.27
CA ASP A 394 13.27 -24.61 11.83
C ASP A 394 13.64 -23.68 12.99
N ALA A 395 12.94 -23.84 14.13
CA ALA A 395 13.17 -22.95 15.26
C ALA A 395 14.57 -23.10 15.82
N ILE A 396 14.99 -24.34 16.09
CA ILE A 396 16.31 -24.58 16.67
C ILE A 396 17.43 -24.24 15.71
N LEU A 397 17.15 -24.17 14.41
CA LEU A 397 18.17 -23.71 13.48
C LEU A 397 18.20 -22.20 13.36
N ASP A 398 17.02 -21.57 13.40
CA ASP A 398 16.92 -20.12 13.33
C ASP A 398 17.57 -19.46 14.54
N MET A 399 17.38 -20.05 15.72
CA MET A 399 17.90 -19.45 16.94
C MET A 399 19.43 -19.38 16.95
N GLY A 400 20.07 -20.04 16.00
CA GLY A 400 21.51 -19.92 15.85
C GLY A 400 21.91 -19.12 14.63
N ARG A 401 21.19 -19.31 13.53
CA ARG A 401 21.55 -18.59 12.31
C ARG A 401 21.30 -17.09 12.45
N THR A 402 20.33 -16.68 13.28
CA THR A 402 20.15 -15.26 13.53
C THR A 402 21.32 -14.67 14.30
N MET A 403 21.81 -15.41 15.30
CA MET A 403 22.99 -14.96 16.04
C MET A 403 24.18 -14.79 15.11
N VAL A 404 24.40 -15.76 14.22
CA VAL A 404 25.52 -15.64 13.30
C VAL A 404 25.31 -14.48 12.33
N ASN A 405 24.05 -14.25 11.92
CA ASN A 405 23.74 -13.11 11.08
C ASN A 405 24.16 -11.80 11.74
N VAL A 406 23.75 -11.60 13.00
CA VAL A 406 24.06 -10.35 13.67
C VAL A 406 25.56 -10.22 13.93
N THR A 407 26.22 -11.33 14.28
CA THR A 407 27.67 -11.29 14.45
C THR A 407 28.37 -10.87 13.16
N GLY A 408 27.91 -11.40 12.02
CA GLY A 408 28.49 -11.00 10.76
C GLY A 408 28.22 -9.54 10.43
N ASP A 409 27.02 -9.06 10.79
CA ASP A 409 26.70 -7.64 10.61
C ASP A 409 27.69 -6.77 11.37
N LEU A 410 27.94 -7.11 12.64
CA LEU A 410 28.85 -6.32 13.45
C LEU A 410 30.28 -6.42 12.94
N ALA A 411 30.71 -7.62 12.53
CA ALA A 411 32.04 -7.77 11.96
C ALA A 411 32.20 -6.92 10.71
N GLY A 412 31.18 -6.91 9.84
CA GLY A 412 31.27 -6.12 8.63
C GLY A 412 31.34 -4.64 8.89
N THR A 413 30.50 -4.14 9.82
CA THR A 413 30.54 -2.70 10.09
C THR A 413 31.83 -2.31 10.78
N VAL A 414 32.36 -3.17 11.66
CA VAL A 414 33.63 -2.87 12.30
C VAL A 414 34.76 -2.86 11.29
N ILE A 415 34.73 -3.77 10.32
CA ILE A 415 35.79 -3.82 9.32
C ILE A 415 35.70 -2.61 8.40
N VAL A 416 34.50 -2.24 7.97
CA VAL A 416 34.35 -1.05 7.13
C VAL A 416 34.80 0.19 7.87
N ALA A 417 34.57 0.25 9.19
CA ALA A 417 35.06 1.39 9.96
C ALA A 417 36.59 1.36 10.05
N LYS A 418 37.16 0.19 10.34
CA LYS A 418 38.61 0.05 10.40
C LYS A 418 39.28 0.39 9.07
N THR A 419 38.55 0.27 7.96
CA THR A 419 39.05 0.69 6.66
C THR A 419 38.63 2.13 6.35
N GLU A 420 38.18 2.86 7.39
CA GLU A 420 37.84 4.27 7.24
C GLU A 420 38.43 5.10 8.38
N LYS A 421 39.24 4.51 9.24
CA LYS A 421 39.98 5.17 10.31
C LYS A 421 39.07 5.79 11.37
N GLU A 422 37.76 5.55 11.31
CA GLU A 422 36.81 6.17 12.22
C GLU A 422 36.46 5.25 13.40
N LEU A 423 37.39 4.39 13.79
CA LEU A 423 37.17 3.52 14.94
C LEU A 423 37.43 4.27 16.24
N ASP A 424 36.89 3.71 17.33
CA ASP A 424 37.18 4.20 18.68
C ASP A 424 38.33 3.39 19.23
N GLU A 425 39.53 3.69 18.72
CA GLU A 425 40.74 2.94 19.03
C GLU A 425 41.02 2.87 20.53
N SER A 426 40.40 3.75 21.31
CA SER A 426 40.62 3.76 22.74
C SER A 426 40.02 2.53 23.42
N LYS A 427 38.85 2.09 22.95
CA LYS A 427 38.18 0.95 23.56
C LYS A 427 39.04 -0.31 23.48
N TRP A 428 39.64 -0.57 22.32
CA TRP A 428 40.42 -1.78 22.13
C TRP A 428 41.81 -1.71 22.76
N ILE A 429 42.09 -0.68 23.55
CA ILE A 429 43.30 -0.60 24.36
C ILE A 429 42.87 -0.57 25.82
N SER A 430 43.75 -1.07 26.69
CA SER A 430 43.48 -1.11 28.12
C SER A 430 44.77 -1.02 28.93
N LEU B 5 34.67 7.96 -20.96
CA LEU B 5 35.64 7.79 -19.88
C LEU B 5 34.94 7.84 -18.53
N LEU B 6 35.71 8.15 -17.49
CA LEU B 6 35.18 8.21 -16.13
C LEU B 6 34.73 9.65 -15.83
N ARG B 7 33.45 9.80 -15.50
CA ARG B 7 32.80 11.04 -15.06
C ARG B 7 32.62 12.02 -16.22
N ARG B 8 33.25 11.78 -17.37
CA ARG B 8 32.97 12.60 -18.54
C ARG B 8 31.63 12.23 -19.15
N TYR B 9 31.24 10.96 -19.03
CA TYR B 9 29.93 10.51 -19.48
C TYR B 9 28.81 11.36 -18.87
N LEU B 10 28.83 11.50 -17.54
CA LEU B 10 27.82 12.32 -16.86
C LEU B 10 27.82 13.76 -17.37
N ASP B 11 29.00 14.37 -17.49
CA ASP B 11 29.06 15.80 -17.82
C ASP B 11 28.63 16.05 -19.26
N TYR B 12 28.57 15.01 -20.08
CA TYR B 12 28.08 15.18 -21.44
C TYR B 12 26.61 15.60 -21.40
N PRO B 13 26.19 16.51 -22.27
CA PRO B 13 24.83 17.06 -22.16
C PRO B 13 23.77 15.97 -22.28
N VAL B 14 22.80 16.01 -21.36
CA VAL B 14 21.84 14.92 -21.25
C VAL B 14 20.97 14.83 -22.50
N LEU B 15 20.64 15.96 -23.12
CA LEU B 15 19.82 15.93 -24.32
C LEU B 15 20.60 15.38 -25.51
N TRP B 16 21.79 15.93 -25.77
CA TRP B 16 22.58 15.45 -26.89
C TRP B 16 23.01 14.00 -26.67
N LYS B 17 23.24 13.60 -25.42
CA LYS B 17 23.62 12.22 -25.14
C LYS B 17 22.45 11.27 -25.33
N ILE B 18 21.26 11.67 -24.85
CA ILE B 18 20.07 10.85 -25.03
C ILE B 18 19.66 10.76 -26.49
N LEU B 19 20.08 11.72 -27.31
CA LEU B 19 19.83 11.60 -28.75
C LEU B 19 20.91 10.78 -29.45
N TRP B 20 22.17 10.91 -29.00
CA TRP B 20 23.26 10.16 -29.63
C TRP B 20 23.13 8.67 -29.35
N GLY B 21 22.68 8.32 -28.14
CA GLY B 21 22.43 6.92 -27.83
C GLY B 21 21.35 6.32 -28.71
N LEU B 22 20.27 7.06 -28.95
CA LEU B 22 19.22 6.59 -29.83
C LEU B 22 19.65 6.52 -31.29
N VAL B 23 20.53 7.40 -31.73
CA VAL B 23 21.05 7.31 -33.09
C VAL B 23 22.01 6.14 -33.27
N LEU B 24 22.80 5.81 -32.24
CA LEU B 24 23.67 4.64 -32.30
C LEU B 24 22.91 3.33 -32.12
N GLY B 25 21.77 3.36 -31.42
CA GLY B 25 21.02 2.14 -31.20
C GLY B 25 20.50 1.54 -32.48
N ALA B 26 20.04 2.38 -33.41
CA ALA B 26 19.57 1.88 -34.70
C ALA B 26 20.69 1.20 -35.45
N VAL B 27 21.87 1.83 -35.49
CA VAL B 27 23.01 1.25 -36.19
C VAL B 27 23.40 -0.09 -35.58
N PHE B 28 23.42 -0.17 -34.25
CA PHE B 28 23.82 -1.42 -33.62
C PHE B 28 22.77 -2.50 -33.81
N GLY B 29 21.49 -2.14 -33.73
CA GLY B 29 20.44 -3.11 -34.00
C GLY B 29 20.52 -3.66 -35.42
N LEU B 30 20.86 -2.80 -36.38
CA LEU B 30 20.97 -3.26 -37.75
C LEU B 30 22.20 -4.14 -37.94
N ILE B 31 23.32 -3.78 -37.33
CA ILE B 31 24.51 -4.63 -37.43
C ILE B 31 24.31 -5.95 -36.69
N ALA B 32 23.39 -5.99 -35.72
CA ALA B 32 23.07 -7.25 -35.05
C ALA B 32 22.16 -8.11 -35.90
N GLY B 33 21.10 -7.51 -36.45
CA GLY B 33 20.25 -8.23 -37.38
C GLY B 33 21.01 -8.74 -38.59
N HIS B 34 22.09 -8.06 -38.95
CA HIS B 34 22.98 -8.58 -39.99
C HIS B 34 23.61 -9.90 -39.55
N PHE B 35 24.29 -9.89 -38.41
CA PHE B 35 24.86 -11.11 -37.85
C PHE B 35 23.82 -12.09 -37.35
N GLY B 36 22.55 -11.72 -37.31
CA GLY B 36 21.53 -12.59 -36.77
C GLY B 36 21.70 -12.87 -35.29
N TYR B 37 22.06 -11.85 -34.51
CA TYR B 37 22.31 -11.99 -33.08
C TYR B 37 21.12 -11.54 -32.25
N ALA B 38 19.90 -11.76 -32.73
CA ALA B 38 18.71 -11.33 -32.00
C ALA B 38 18.65 -11.97 -30.61
N GLY B 39 18.93 -13.26 -30.53
CA GLY B 39 18.92 -13.92 -29.23
C GLY B 39 20.00 -13.41 -28.31
N ALA B 40 21.19 -13.18 -28.85
CA ALA B 40 22.30 -12.69 -28.03
C ALA B 40 21.97 -11.34 -27.41
N VAL B 41 21.45 -10.42 -28.21
CA VAL B 41 21.12 -9.10 -27.70
C VAL B 41 19.86 -9.12 -26.84
N LYS B 42 18.98 -10.10 -27.06
CA LYS B 42 17.80 -10.23 -26.21
C LYS B 42 18.17 -10.76 -24.83
N THR B 43 19.20 -11.59 -24.74
CA THR B 43 19.63 -12.15 -23.46
C THR B 43 20.62 -11.26 -22.73
N TYR B 44 21.48 -10.54 -23.46
CA TYR B 44 22.52 -9.73 -22.84
C TYR B 44 22.11 -8.28 -22.63
N ILE B 45 21.73 -7.59 -23.70
CA ILE B 45 21.54 -6.15 -23.66
C ILE B 45 20.14 -5.76 -23.21
N LYS B 46 19.12 -6.49 -23.67
CA LYS B 46 17.74 -6.18 -23.30
C LYS B 46 17.52 -5.96 -21.80
N PRO B 47 18.13 -6.72 -20.88
CA PRO B 47 17.94 -6.40 -19.45
C PRO B 47 18.26 -4.97 -19.08
N PHE B 48 19.20 -4.31 -19.78
CA PHE B 48 19.45 -2.90 -19.53
C PHE B 48 18.20 -2.06 -19.82
N GLY B 49 17.59 -2.28 -20.97
CA GLY B 49 16.37 -1.55 -21.30
C GLY B 49 15.23 -1.87 -20.35
N ASP B 50 15.12 -3.13 -19.93
CA ASP B 50 14.07 -3.49 -18.99
C ASP B 50 14.30 -2.84 -17.63
N LEU B 51 15.55 -2.76 -17.19
CA LEU B 51 15.87 -2.05 -15.95
C LEU B 51 15.55 -0.57 -16.08
N PHE B 52 15.80 0.02 -17.25
CA PHE B 52 15.46 1.43 -17.45
C PHE B 52 13.96 1.64 -17.40
N VAL B 53 13.19 0.72 -17.98
CA VAL B 53 11.74 0.83 -17.96
C VAL B 53 11.21 0.68 -16.52
N ARG B 54 11.77 -0.26 -15.77
CA ARG B 54 11.38 -0.40 -14.37
C ARG B 54 11.72 0.83 -13.57
N LEU B 55 12.87 1.44 -13.84
CA LEU B 55 13.23 2.69 -13.18
C LEU B 55 12.22 3.78 -13.48
N LEU B 56 11.82 3.91 -14.75
CA LEU B 56 10.85 4.93 -15.10
C LEU B 56 9.44 4.61 -14.63
N LYS B 57 9.17 3.35 -14.28
CA LYS B 57 7.91 3.02 -13.63
C LYS B 57 7.95 3.27 -12.12
N MET B 58 9.13 3.21 -11.52
CA MET B 58 9.26 3.52 -10.09
C MET B 58 8.85 4.95 -9.80
N LEU B 59 9.07 5.86 -10.74
CA LEU B 59 8.86 7.30 -10.53
C LEU B 59 7.60 7.81 -11.20
N VAL B 60 6.49 7.06 -11.15
CA VAL B 60 5.25 7.52 -11.72
C VAL B 60 4.16 7.73 -10.69
N MET B 61 4.11 6.93 -9.61
CA MET B 61 3.13 7.14 -8.56
C MET B 61 3.58 8.18 -7.54
N PRO B 62 4.79 8.08 -6.98
CA PRO B 62 5.21 9.11 -6.02
C PRO B 62 5.27 10.49 -6.61
N ILE B 63 5.76 10.61 -7.85
CA ILE B 63 5.82 11.91 -8.50
C ILE B 63 4.43 12.48 -8.66
N VAL B 64 3.49 11.70 -9.19
CA VAL B 64 2.17 12.26 -9.45
C VAL B 64 1.51 12.67 -8.14
N LEU B 65 1.61 11.83 -7.10
CA LEU B 65 1.00 12.17 -5.82
C LEU B 65 1.60 13.44 -5.24
N ALA B 66 2.91 13.41 -4.96
CA ALA B 66 3.56 14.54 -4.30
C ALA B 66 3.42 15.82 -5.12
N SER B 67 3.71 15.74 -6.42
CA SER B 67 3.73 16.94 -7.23
C SER B 67 2.32 17.50 -7.43
N LEU B 68 1.31 16.65 -7.55
CA LEU B 68 -0.05 17.15 -7.63
C LEU B 68 -0.45 17.85 -6.34
N VAL B 69 -0.06 17.30 -5.19
CA VAL B 69 -0.38 17.97 -3.94
C VAL B 69 0.29 19.35 -3.88
N VAL B 70 1.60 19.40 -4.15
CA VAL B 70 2.32 20.66 -4.05
C VAL B 70 1.90 21.65 -5.12
N GLY B 71 1.33 21.17 -6.23
CA GLY B 71 0.84 22.06 -7.25
C GLY B 71 -0.51 22.64 -6.89
N ALA B 72 -1.43 21.78 -6.45
CA ALA B 72 -2.77 22.22 -6.07
C ALA B 72 -2.86 22.61 -4.61
N ALA B 73 -1.73 22.92 -3.97
CA ALA B 73 -1.74 23.49 -2.64
C ALA B 73 -1.02 24.83 -2.55
N SER B 74 -0.28 25.24 -3.57
CA SER B 74 0.34 26.56 -3.63
C SER B 74 -0.50 27.57 -4.39
N ILE B 75 -1.67 27.17 -4.86
CA ILE B 75 -2.58 28.03 -5.61
C ILE B 75 -3.81 28.28 -4.76
N SER B 76 -4.20 29.54 -4.65
CA SER B 76 -5.44 29.87 -3.95
C SER B 76 -6.62 29.23 -4.68
N PRO B 77 -7.55 28.58 -3.98
CA PRO B 77 -8.65 27.86 -4.64
C PRO B 77 -9.44 28.73 -5.61
N ALA B 78 -9.41 30.05 -5.41
CA ALA B 78 -10.04 30.96 -6.35
C ALA B 78 -9.39 30.85 -7.73
N ARG B 79 -8.06 30.96 -7.78
CA ARG B 79 -7.34 30.81 -9.03
C ARG B 79 -7.27 29.35 -9.47
N LEU B 80 -7.15 28.43 -8.50
CA LEU B 80 -7.05 27.02 -8.83
C LEU B 80 -8.27 26.52 -9.56
N GLY B 81 -9.46 27.00 -9.20
CA GLY B 81 -10.66 26.57 -9.91
C GLY B 81 -10.66 27.00 -11.36
N ARG B 82 -10.37 28.27 -11.61
CA ARG B 82 -10.32 28.78 -12.98
C ARG B 82 -9.30 28.01 -13.80
N VAL B 83 -8.10 27.84 -13.26
CA VAL B 83 -7.05 27.12 -13.98
C VAL B 83 -7.46 25.66 -14.23
N GLY B 84 -8.09 25.03 -13.23
CA GLY B 84 -8.49 23.65 -13.39
C GLY B 84 -9.52 23.47 -14.48
N VAL B 85 -10.54 24.33 -14.50
CA VAL B 85 -11.53 24.23 -15.57
C VAL B 85 -10.90 24.51 -16.92
N LYS B 86 -10.14 25.61 -17.02
CA LYS B 86 -9.55 25.99 -18.29
C LYS B 86 -8.53 24.97 -18.80
N ILE B 87 -8.02 24.10 -17.92
CA ILE B 87 -7.06 23.10 -18.33
C ILE B 87 -7.72 21.76 -18.61
N VAL B 88 -8.73 21.37 -17.84
CA VAL B 88 -9.40 20.09 -18.09
C VAL B 88 -10.27 20.18 -19.34
N VAL B 89 -10.94 21.31 -19.55
CA VAL B 89 -11.70 21.47 -20.79
C VAL B 89 -10.78 21.36 -21.99
N TYR B 90 -9.61 21.99 -21.93
CA TYR B 90 -8.65 21.89 -23.02
C TYR B 90 -8.18 20.45 -23.20
N TYR B 91 -7.84 19.78 -22.11
CA TYR B 91 -7.35 18.41 -22.20
C TYR B 91 -8.37 17.51 -22.89
N LEU B 92 -9.62 17.56 -22.45
CA LEU B 92 -10.65 16.72 -23.05
C LEU B 92 -10.90 17.10 -24.50
N ALA B 93 -10.93 18.39 -24.81
CA ALA B 93 -11.19 18.83 -26.18
C ALA B 93 -10.11 18.34 -27.12
N THR B 94 -8.84 18.54 -26.74
CA THR B 94 -7.75 18.11 -27.62
C THR B 94 -7.61 16.60 -27.65
N SER B 95 -7.99 15.89 -26.58
CA SER B 95 -7.99 14.43 -26.64
C SER B 95 -9.00 13.93 -27.65
N ALA B 96 -10.22 14.48 -27.60
CA ALA B 96 -11.25 14.08 -28.57
C ALA B 96 -10.84 14.47 -29.99
N MET B 97 -10.22 15.65 -30.14
CA MET B 97 -9.78 16.08 -31.48
C MET B 97 -8.66 15.18 -31.99
N ALA B 98 -7.76 14.75 -31.11
CA ALA B 98 -6.70 13.84 -31.53
C ALA B 98 -7.26 12.48 -31.93
N VAL B 99 -8.26 11.99 -31.20
CA VAL B 99 -8.87 10.71 -31.57
C VAL B 99 -9.59 10.84 -32.91
N PHE B 100 -10.26 11.96 -33.13
CA PHE B 100 -10.94 12.15 -34.41
C PHE B 100 -9.93 12.26 -35.56
N PHE B 101 -8.81 12.96 -35.32
CA PHE B 101 -7.78 13.04 -36.35
C PHE B 101 -7.18 11.68 -36.64
N GLY B 102 -7.02 10.85 -35.59
CA GLY B 102 -6.56 9.49 -35.80
C GLY B 102 -7.52 8.69 -36.65
N LEU B 103 -8.82 8.82 -36.37
CA LEU B 103 -9.81 8.11 -37.17
C LEU B 103 -9.81 8.61 -38.62
N ILE B 104 -9.59 9.92 -38.80
CA ILE B 104 -9.55 10.47 -40.15
C ILE B 104 -8.36 9.91 -40.93
N VAL B 105 -7.17 9.95 -40.33
CA VAL B 105 -5.99 9.45 -41.02
C VAL B 105 -6.10 7.95 -41.24
N GLY B 106 -6.75 7.24 -40.33
CA GLY B 106 -7.03 5.83 -40.57
C GLY B 106 -7.90 5.63 -41.79
N ARG B 107 -9.03 6.33 -41.85
CA ARG B 107 -9.94 6.19 -42.98
C ARG B 107 -9.32 6.63 -44.30
N LEU B 108 -8.30 7.49 -44.25
CA LEU B 108 -7.69 7.94 -45.50
C LEU B 108 -6.51 7.06 -45.92
N PHE B 109 -5.82 6.43 -44.97
CA PHE B 109 -4.74 5.51 -45.30
C PHE B 109 -5.19 4.06 -45.39
N ASN B 110 -6.33 3.70 -44.80
CA ASN B 110 -6.87 2.35 -44.85
C ASN B 110 -5.86 1.35 -44.30
N VAL B 111 -5.57 1.51 -43.01
CA VAL B 111 -4.62 0.63 -42.34
C VAL B 111 -5.22 -0.73 -42.10
N GLY B 112 -4.39 -1.77 -42.19
CA GLY B 112 -4.81 -3.14 -41.98
C GLY B 112 -5.89 -3.60 -42.94
N ALA B 113 -5.54 -3.70 -44.23
CA ALA B 113 -6.52 -4.05 -45.26
C ALA B 113 -6.28 -5.40 -45.91
N ASN B 114 -5.06 -5.92 -45.89
CA ASN B 114 -4.74 -7.17 -46.57
C ASN B 114 -3.88 -8.07 -45.69
N VAL B 115 -4.27 -8.18 -44.42
CA VAL B 115 -3.60 -9.13 -43.53
C VAL B 115 -4.26 -10.51 -43.60
N ASN B 116 -5.57 -10.56 -43.84
CA ASN B 116 -6.31 -11.80 -44.06
C ASN B 116 -6.25 -12.72 -42.84
N LEU B 117 -6.46 -12.15 -41.65
CA LEU B 117 -6.63 -12.99 -40.46
C LEU B 117 -7.96 -13.72 -40.52
N GLY B 118 -9.03 -13.03 -40.90
CA GLY B 118 -10.30 -13.67 -41.17
C GLY B 118 -11.02 -14.25 -39.97
N SER B 119 -11.47 -13.38 -39.06
CA SER B 119 -12.28 -13.84 -37.94
C SER B 119 -13.63 -14.33 -38.43
N GLY B 120 -14.05 -15.49 -37.93
CA GLY B 120 -15.31 -16.07 -38.33
C GLY B 120 -16.50 -15.20 -37.95
N THR B 121 -17.65 -15.59 -38.47
CA THR B 121 -18.89 -14.86 -38.21
C THR B 121 -19.51 -15.30 -36.88
N GLY B 122 -18.72 -15.25 -35.82
CA GLY B 122 -19.18 -15.64 -34.51
C GLY B 122 -19.70 -14.48 -33.69
N LYS B 123 -19.10 -14.23 -32.54
CA LYS B 123 -19.52 -13.14 -31.66
C LYS B 123 -19.06 -11.80 -32.24
N ALA B 124 -20.01 -11.06 -32.80
CA ALA B 124 -19.72 -9.75 -33.36
C ALA B 124 -20.77 -8.69 -33.06
N ILE B 125 -21.96 -9.06 -32.59
CA ILE B 125 -23.06 -8.10 -32.51
C ILE B 125 -22.90 -7.19 -31.29
N GLU B 126 -22.36 -7.70 -30.18
CA GLU B 126 -22.11 -6.89 -29.01
C GLU B 126 -20.93 -5.97 -29.29
N ALA B 127 -21.21 -4.68 -29.52
CA ALA B 127 -20.18 -3.76 -29.98
C ALA B 127 -20.12 -2.43 -29.24
N GLN B 128 -21.19 -2.02 -28.55
CA GLN B 128 -21.23 -0.71 -27.89
C GLN B 128 -21.70 -0.83 -26.45
N PRO B 129 -20.91 -1.43 -25.57
CA PRO B 129 -21.14 -1.26 -24.12
C PRO B 129 -20.24 -0.20 -23.50
N PRO B 130 -20.51 1.11 -23.72
CA PRO B 130 -19.68 2.13 -23.06
C PRO B 130 -20.14 2.36 -21.62
N SER B 131 -19.30 1.94 -20.67
CA SER B 131 -19.62 2.10 -19.25
C SER B 131 -19.07 3.44 -18.75
N LEU B 132 -19.70 4.51 -19.24
CA LEU B 132 -19.24 5.85 -18.93
C LEU B 132 -19.37 6.16 -17.43
N VAL B 133 -20.57 6.00 -16.88
CA VAL B 133 -20.83 6.44 -15.52
C VAL B 133 -19.99 5.65 -14.52
N GLN B 134 -19.74 4.37 -14.78
CA GLN B 134 -18.95 3.58 -13.84
C GLN B 134 -17.47 3.95 -13.91
N THR B 135 -16.92 4.07 -15.11
CA THR B 135 -15.52 4.47 -15.24
C THR B 135 -15.29 5.93 -14.84
N LEU B 136 -16.36 6.72 -14.71
CA LEU B 136 -16.21 8.06 -14.17
C LEU B 136 -16.37 8.07 -12.65
N LEU B 137 -17.20 7.18 -12.10
CA LEU B 137 -17.26 7.02 -10.65
C LEU B 137 -16.02 6.36 -10.10
N ASN B 138 -15.24 5.67 -10.95
CA ASN B 138 -13.99 5.08 -10.52
C ASN B 138 -12.88 6.11 -10.36
N ILE B 139 -13.18 7.40 -10.48
CA ILE B 139 -12.18 8.44 -10.27
C ILE B 139 -11.87 8.60 -8.78
N VAL B 140 -12.90 8.81 -7.98
CA VAL B 140 -12.71 8.93 -6.53
C VAL B 140 -12.26 7.58 -5.97
N PRO B 141 -11.15 7.53 -5.26
CA PRO B 141 -10.65 6.24 -4.77
C PRO B 141 -11.52 5.71 -3.64
N THR B 142 -11.68 4.38 -3.60
CA THR B 142 -12.35 3.77 -2.47
C THR B 142 -11.46 3.75 -1.24
N ASN B 143 -10.15 3.60 -1.43
CA ASN B 143 -9.19 3.64 -0.32
C ASN B 143 -7.86 4.10 -0.90
N PRO B 144 -7.49 5.36 -0.65
CA PRO B 144 -6.36 5.95 -1.39
C PRO B 144 -5.06 5.17 -1.26
N PHE B 145 -4.82 4.52 -0.12
CA PHE B 145 -3.63 3.69 0.01
C PHE B 145 -3.71 2.48 -0.92
N ALA B 146 -4.91 1.90 -1.06
CA ALA B 146 -5.10 0.83 -2.03
C ALA B 146 -4.84 1.33 -3.45
N SER B 147 -5.42 2.46 -3.80
CA SER B 147 -5.21 3.04 -5.13
C SER B 147 -3.76 3.44 -5.37
N LEU B 148 -2.97 3.63 -4.32
CA LEU B 148 -1.53 3.83 -4.49
C LEU B 148 -0.81 2.51 -4.69
N ALA B 149 -1.18 1.49 -3.92
CA ALA B 149 -0.49 0.21 -3.99
C ALA B 149 -0.74 -0.47 -5.33
N LYS B 150 -2.01 -0.69 -5.67
CA LYS B 150 -2.35 -1.44 -6.88
C LYS B 150 -1.83 -0.75 -8.14
N GLY B 151 -1.77 0.58 -8.14
CA GLY B 151 -1.19 1.30 -9.25
C GLY B 151 -2.14 2.19 -10.04
N GLU B 152 -3.43 2.22 -9.71
CA GLU B 152 -4.35 3.11 -10.40
C GLU B 152 -3.91 4.55 -10.19
N VAL B 153 -3.87 5.31 -11.29
CA VAL B 153 -3.30 6.65 -11.24
C VAL B 153 -4.39 7.68 -10.95
N LEU B 154 -5.45 7.68 -11.76
CA LEU B 154 -6.48 8.72 -11.63
C LEU B 154 -7.07 8.84 -10.22
N PRO B 155 -7.36 7.76 -9.49
CA PRO B 155 -7.77 7.95 -8.09
C PRO B 155 -6.73 8.64 -7.25
N VAL B 156 -5.45 8.32 -7.46
CA VAL B 156 -4.39 9.00 -6.74
C VAL B 156 -4.37 10.48 -7.10
N ILE B 157 -4.61 10.80 -8.37
CA ILE B 157 -4.66 12.20 -8.80
C ILE B 157 -5.77 12.93 -8.08
N PHE B 158 -6.97 12.34 -8.04
CA PHE B 158 -8.09 13.02 -7.38
C PHE B 158 -7.82 13.20 -5.89
N PHE B 159 -7.32 12.15 -5.24
CA PHE B 159 -7.05 12.26 -3.81
C PHE B 159 -5.97 13.30 -3.53
N ALA B 160 -4.93 13.35 -4.37
CA ALA B 160 -3.88 14.34 -4.16
C ALA B 160 -4.39 15.75 -4.38
N ILE B 161 -5.27 15.95 -5.36
CA ILE B 161 -5.76 17.29 -5.61
C ILE B 161 -6.69 17.75 -4.50
N ILE B 162 -7.48 16.82 -3.94
CA ILE B 162 -8.36 17.23 -2.85
C ILE B 162 -7.56 17.46 -1.58
N LEU B 163 -6.48 16.71 -1.37
CA LEU B 163 -5.61 16.98 -0.23
C LEU B 163 -4.90 18.32 -0.39
N GLY B 164 -4.48 18.65 -1.61
CA GLY B 164 -3.88 19.94 -1.84
C GLY B 164 -4.84 21.09 -1.56
N ILE B 165 -6.09 20.94 -1.98
CA ILE B 165 -7.08 21.98 -1.69
C ILE B 165 -7.32 22.09 -0.19
N ALA B 166 -7.43 20.94 0.49
CA ALA B 166 -7.59 20.97 1.95
C ALA B 166 -6.41 21.68 2.62
N ILE B 167 -5.20 21.46 2.10
CA ILE B 167 -4.02 22.06 2.73
C ILE B 167 -3.98 23.57 2.49
N THR B 168 -4.31 24.00 1.26
CA THR B 168 -4.33 25.43 1.00
C THR B 168 -5.50 26.13 1.68
N TYR B 169 -6.50 25.39 2.13
CA TYR B 169 -7.51 25.94 3.03
C TYR B 169 -7.06 25.97 4.48
N LEU B 170 -6.30 24.95 4.92
CA LEU B 170 -5.80 24.93 6.29
C LEU B 170 -4.81 26.05 6.54
N MET B 171 -3.95 26.34 5.55
CA MET B 171 -2.90 27.33 5.78
C MET B 171 -3.49 28.70 6.11
N ASN B 172 -4.74 28.95 5.69
CA ASN B 172 -5.44 30.19 6.03
C ASN B 172 -6.39 29.93 7.18
N ARG B 173 -5.82 29.60 8.35
CA ARG B 173 -6.62 29.32 9.53
C ARG B 173 -6.18 30.27 10.65
N ASN B 174 -6.74 30.06 11.84
CA ASN B 174 -6.46 30.89 13.00
C ASN B 174 -5.63 30.20 14.06
N GLU B 175 -5.90 28.91 14.33
CA GLU B 175 -5.12 28.18 15.33
C GLU B 175 -3.70 27.97 14.82
N GLU B 176 -2.73 28.55 15.51
CA GLU B 176 -1.33 28.37 15.14
C GLU B 176 -0.88 26.93 15.26
N ARG B 177 -1.64 26.08 15.94
CA ARG B 177 -1.32 24.66 16.03
C ARG B 177 -1.62 23.92 14.73
N VAL B 178 -2.59 24.38 13.95
CA VAL B 178 -2.97 23.71 12.71
C VAL B 178 -2.32 24.34 11.48
N ARG B 179 -2.08 25.66 11.48
CA ARG B 179 -1.38 26.29 10.37
C ARG B 179 0.02 25.71 10.22
N LYS B 180 0.73 25.56 11.34
CA LYS B 180 2.09 25.01 11.29
C LYS B 180 2.08 23.56 10.85
N SER B 181 1.09 22.78 11.30
CA SER B 181 1.00 21.38 10.88
C SER B 181 0.74 21.27 9.39
N ALA B 182 -0.16 22.12 8.86
CA ALA B 182 -0.43 22.10 7.43
C ALA B 182 0.79 22.53 6.63
N GLU B 183 1.51 23.55 7.10
CA GLU B 183 2.72 23.98 6.41
C GLU B 183 3.77 22.87 6.45
N THR B 184 3.86 22.13 7.55
CA THR B 184 4.84 21.06 7.63
C THR B 184 4.48 19.91 6.70
N LEU B 185 3.19 19.57 6.59
CA LEU B 185 2.79 18.54 5.65
C LEU B 185 3.04 18.98 4.20
N LEU B 186 2.76 20.25 3.90
CA LEU B 186 3.02 20.76 2.56
C LEU B 186 4.50 20.72 2.23
N ARG B 187 5.35 21.09 3.19
CA ARG B 187 6.78 21.04 2.94
C ARG B 187 7.30 19.60 2.88
N VAL B 188 6.64 18.66 3.56
CA VAL B 188 7.00 17.26 3.41
C VAL B 188 6.75 16.81 1.97
N PHE B 189 5.55 17.07 1.46
CA PHE B 189 5.25 16.67 0.09
C PHE B 189 6.10 17.44 -0.92
N ASP B 190 6.48 18.68 -0.60
CA ASP B 190 7.35 19.43 -1.50
C ASP B 190 8.75 18.82 -1.54
N GLY B 191 9.30 18.49 -0.37
CA GLY B 191 10.58 17.80 -0.34
C GLY B 191 10.52 16.48 -1.08
N LEU B 192 9.40 15.77 -0.98
CA LEU B 192 9.27 14.49 -1.68
C LEU B 192 9.26 14.69 -3.19
N ALA B 193 8.46 15.65 -3.68
CA ALA B 193 8.40 15.90 -5.11
C ALA B 193 9.75 16.38 -5.64
N GLU B 194 10.48 17.17 -4.86
CA GLU B 194 11.77 17.67 -5.33
C GLU B 194 12.82 16.56 -5.31
N ALA B 195 12.80 15.70 -4.29
CA ALA B 195 13.66 14.53 -4.31
C ALA B 195 13.37 13.66 -5.51
N MET B 196 12.09 13.57 -5.91
CA MET B 196 11.74 12.77 -7.08
C MET B 196 12.23 13.43 -8.37
N TYR B 197 12.18 14.75 -8.45
CA TYR B 197 12.75 15.42 -9.62
C TYR B 197 14.25 15.20 -9.71
N LEU B 198 14.94 15.24 -8.55
CA LEU B 198 16.37 14.92 -8.56
C LEU B 198 16.61 13.48 -8.99
N ILE B 199 15.79 12.55 -8.51
CA ILE B 199 15.94 11.14 -8.89
C ILE B 199 15.76 10.98 -10.39
N VAL B 200 14.76 11.64 -10.96
CA VAL B 200 14.53 11.56 -12.40
C VAL B 200 15.71 12.14 -13.16
N GLY B 201 16.16 13.34 -12.78
CA GLY B 201 17.34 13.90 -13.38
C GLY B 201 18.56 13.00 -13.28
N GLY B 202 18.59 12.15 -12.26
CA GLY B 202 19.64 11.13 -12.20
C GLY B 202 19.40 10.01 -13.19
N VAL B 203 18.14 9.59 -13.34
CA VAL B 203 17.81 8.53 -14.28
C VAL B 203 18.12 8.97 -15.71
N MET B 204 17.86 10.23 -16.03
CA MET B 204 18.17 10.73 -17.38
C MET B 204 19.67 10.79 -17.62
N GLN B 205 20.48 10.73 -16.58
CA GLN B 205 21.92 10.52 -16.78
C GLN B 205 22.20 9.09 -17.19
N TYR B 206 21.43 8.14 -16.64
CA TYR B 206 21.50 6.73 -17.02
C TYR B 206 20.63 6.42 -18.23
N ALA B 207 19.70 7.30 -18.57
CA ALA B 207 18.76 6.99 -19.65
C ALA B 207 19.39 6.77 -21.02
N PRO B 208 20.54 7.35 -21.37
CA PRO B 208 21.10 7.06 -22.70
C PRO B 208 21.42 5.59 -22.93
N ILE B 209 22.09 4.93 -21.98
CA ILE B 209 22.39 3.51 -22.18
C ILE B 209 21.11 2.69 -22.20
N GLY B 210 20.09 3.09 -21.43
CA GLY B 210 18.85 2.35 -21.41
C GLY B 210 18.06 2.48 -22.70
N VAL B 211 18.04 3.69 -23.27
CA VAL B 211 17.26 3.94 -24.48
C VAL B 211 18.08 3.52 -25.68
N PHE B 212 19.36 3.20 -25.45
CA PHE B 212 20.12 2.47 -26.45
C PHE B 212 19.82 0.97 -26.42
N ALA B 213 19.79 0.37 -25.23
CA ALA B 213 19.43 -1.04 -25.11
C ALA B 213 18.04 -1.30 -25.67
N LEU B 214 17.06 -0.48 -25.27
CA LEU B 214 15.68 -0.68 -25.74
C LEU B 214 15.60 -0.64 -27.26
N ILE B 215 16.12 0.43 -27.87
CA ILE B 215 15.96 0.57 -29.31
C ILE B 215 16.83 -0.43 -30.05
N ALA B 216 17.95 -0.85 -29.46
CA ALA B 216 18.79 -1.86 -30.12
C ALA B 216 18.11 -3.22 -30.14
N TYR B 217 17.50 -3.60 -29.01
CA TYR B 217 16.74 -4.85 -28.98
C TYR B 217 15.56 -4.78 -29.94
N VAL B 218 14.84 -3.65 -29.96
CA VAL B 218 13.69 -3.51 -30.84
C VAL B 218 14.12 -3.63 -32.29
N MET B 219 15.24 -3.00 -32.66
CA MET B 219 15.76 -3.12 -34.02
C MET B 219 16.14 -4.56 -34.33
N ALA B 220 17.07 -5.12 -33.56
CA ALA B 220 17.56 -6.47 -33.83
C ALA B 220 16.46 -7.52 -33.83
N GLU B 221 15.33 -7.26 -33.17
CA GLU B 221 14.24 -8.21 -33.20
C GLU B 221 13.28 -7.96 -34.36
N GLN B 222 12.96 -6.69 -34.63
CA GLN B 222 12.08 -6.31 -35.74
C GLN B 222 12.84 -5.64 -36.89
N GLY B 223 14.12 -5.98 -37.06
CA GLY B 223 14.88 -5.44 -38.18
C GLY B 223 14.31 -5.79 -39.53
N VAL B 224 13.52 -6.84 -39.62
CA VAL B 224 12.83 -7.23 -40.85
C VAL B 224 11.32 -7.19 -40.68
N ARG B 225 10.82 -6.97 -39.47
CA ARG B 225 9.39 -6.96 -39.18
C ARG B 225 8.75 -5.59 -39.43
N VAL B 226 9.38 -4.74 -40.24
CA VAL B 226 8.84 -3.41 -40.54
C VAL B 226 8.68 -3.27 -42.04
N VAL B 227 8.50 -4.39 -42.74
CA VAL B 227 8.35 -4.39 -44.19
C VAL B 227 6.92 -4.69 -44.60
N GLY B 228 6.20 -5.50 -43.82
CA GLY B 228 4.85 -5.89 -44.15
C GLY B 228 3.84 -4.78 -43.99
N PRO B 229 2.57 -5.14 -43.82
CA PRO B 229 1.51 -4.13 -43.67
C PRO B 229 1.68 -3.24 -42.45
N LEU B 230 2.63 -3.54 -41.56
CA LEU B 230 2.91 -2.65 -40.44
C LEU B 230 3.54 -1.35 -40.89
N ALA B 231 4.07 -1.30 -42.11
CA ALA B 231 4.59 -0.06 -42.65
C ALA B 231 3.49 0.99 -42.76
N LYS B 232 2.30 0.59 -43.22
CA LYS B 232 1.20 1.53 -43.29
C LYS B 232 0.79 2.04 -41.91
N VAL B 233 0.86 1.19 -40.89
CA VAL B 233 0.49 1.64 -39.55
C VAL B 233 1.53 2.61 -39.01
N VAL B 234 2.82 2.29 -39.19
CA VAL B 234 3.87 3.15 -38.67
C VAL B 234 3.99 4.45 -39.46
N GLY B 235 3.51 4.48 -40.70
CA GLY B 235 3.46 5.70 -41.47
C GLY B 235 2.14 6.44 -41.39
N ALA B 236 1.11 5.81 -40.81
CA ALA B 236 -0.14 6.49 -40.52
C ALA B 236 -0.13 7.12 -39.13
N VAL B 237 0.49 6.47 -38.14
CA VAL B 237 0.52 7.06 -36.81
C VAL B 237 1.39 8.31 -36.79
N TYR B 238 2.52 8.32 -37.50
CA TYR B 238 3.36 9.51 -37.53
C TYR B 238 2.71 10.64 -38.31
N THR B 239 2.06 10.32 -39.42
CA THR B 239 1.32 11.36 -40.14
C THR B 239 0.18 11.90 -39.30
N GLY B 240 -0.48 11.03 -38.52
CA GLY B 240 -1.51 11.50 -37.62
C GLY B 240 -0.98 12.41 -36.54
N LEU B 241 0.19 12.08 -36.00
CA LEU B 241 0.79 12.92 -34.96
C LEU B 241 1.21 14.28 -35.52
N PHE B 242 1.84 14.28 -36.70
CA PHE B 242 2.22 15.54 -37.32
C PHE B 242 1.00 16.39 -37.65
N LEU B 243 -0.07 15.74 -38.15
CA LEU B 243 -1.29 16.46 -38.45
C LEU B 243 -1.90 17.03 -37.18
N GLN B 244 -1.99 16.21 -36.13
CA GLN B 244 -2.38 16.65 -34.80
C GLN B 244 -1.67 17.94 -34.41
N ILE B 245 -0.34 17.90 -34.39
CA ILE B 245 0.42 19.07 -33.97
C ILE B 245 0.06 20.27 -34.84
N VAL B 246 0.34 20.19 -36.14
CA VAL B 246 0.28 21.35 -37.01
C VAL B 246 -1.14 21.86 -37.25
N ILE B 247 -2.17 21.07 -36.94
CA ILE B 247 -3.53 21.49 -37.21
C ILE B 247 -4.34 21.76 -35.95
N THR B 248 -3.92 21.29 -34.78
CA THR B 248 -4.58 21.65 -33.53
C THR B 248 -3.74 22.63 -32.73
N TYR B 249 -2.50 22.27 -32.42
CA TYR B 249 -1.71 23.11 -31.54
C TYR B 249 -1.37 24.42 -32.21
N PHE B 250 -1.01 24.38 -33.50
CA PHE B 250 -0.69 25.61 -34.21
C PHE B 250 -1.89 26.54 -34.28
N ILE B 251 -3.08 26.01 -34.60
CA ILE B 251 -4.24 26.90 -34.75
C ILE B 251 -4.66 27.46 -33.40
N LEU B 252 -4.64 26.64 -32.33
CA LEU B 252 -4.97 27.15 -31.01
C LEU B 252 -4.00 28.24 -30.59
N LEU B 253 -2.70 27.97 -30.70
CA LEU B 253 -1.69 28.90 -30.26
C LEU B 253 -1.76 30.21 -31.06
N LYS B 254 -1.92 30.11 -32.38
CA LYS B 254 -2.01 31.31 -33.20
C LYS B 254 -3.28 32.10 -32.90
N VAL B 255 -4.38 31.42 -32.56
CA VAL B 255 -5.59 32.12 -32.15
C VAL B 255 -5.35 32.90 -30.87
N PHE B 256 -4.75 32.26 -29.88
CA PHE B 256 -4.64 32.89 -28.57
C PHE B 256 -3.54 33.96 -28.50
N GLY B 257 -2.67 34.05 -29.51
CA GLY B 257 -1.71 35.14 -29.56
C GLY B 257 -0.26 34.74 -29.72
N ILE B 258 0.15 33.66 -29.05
CA ILE B 258 1.49 33.14 -29.22
C ILE B 258 1.70 32.67 -30.66
N ASP B 259 2.93 32.82 -31.14
CA ASP B 259 3.28 32.27 -32.45
C ASP B 259 3.70 30.81 -32.30
N PRO B 260 3.12 29.89 -33.07
CA PRO B 260 3.43 28.47 -32.86
C PRO B 260 4.86 28.11 -33.22
N ILE B 261 5.45 28.77 -34.21
CA ILE B 261 6.84 28.50 -34.58
C ILE B 261 7.75 28.68 -33.36
N LYS B 262 7.59 29.80 -32.66
CA LYS B 262 8.39 30.03 -31.46
C LYS B 262 8.09 28.99 -30.37
N PHE B 263 6.83 28.54 -30.29
CA PHE B 263 6.49 27.49 -29.33
C PHE B 263 7.29 26.22 -29.61
N ILE B 264 7.27 25.75 -30.85
CA ILE B 264 8.01 24.56 -31.21
C ILE B 264 9.51 24.78 -30.98
N ARG B 265 10.01 25.97 -31.34
N ARG B 265 10.01 25.97 -31.34
CA ARG B 265 11.43 26.25 -31.21
CA ARG B 265 11.43 26.25 -31.21
C ARG B 265 11.88 26.20 -29.76
C ARG B 265 11.89 26.20 -29.76
N LYS B 266 11.08 26.76 -28.86
CA LYS B 266 11.43 26.77 -27.44
C LYS B 266 11.10 25.46 -26.73
N ALA B 267 10.23 24.64 -27.31
CA ALA B 267 9.86 23.38 -26.68
C ALA B 267 10.63 22.18 -27.20
N LYS B 268 11.36 22.33 -28.31
CA LYS B 268 12.05 21.18 -28.89
C LYS B 268 13.02 20.53 -27.90
N ASP B 269 13.60 21.31 -26.99
CA ASP B 269 14.55 20.76 -26.03
C ASP B 269 13.91 19.81 -25.04
N ALA B 270 12.58 19.74 -24.99
CA ALA B 270 11.86 18.72 -24.25
C ALA B 270 11.09 17.76 -25.14
N MET B 271 10.63 18.24 -26.30
CA MET B 271 10.04 17.35 -27.29
C MET B 271 11.00 16.23 -27.67
N ILE B 272 12.28 16.55 -27.88
CA ILE B 272 13.24 15.54 -28.29
C ILE B 272 13.48 14.54 -27.16
N THR B 273 13.60 15.03 -25.93
CA THR B 273 13.81 14.13 -24.81
C THR B 273 12.63 13.20 -24.59
N ALA B 274 11.40 13.71 -24.73
CA ALA B 274 10.23 12.85 -24.64
C ALA B 274 10.18 11.86 -25.80
N PHE B 275 10.52 12.31 -27.01
CA PHE B 275 10.57 11.44 -28.17
C PHE B 275 11.51 10.27 -27.92
N VAL B 276 12.65 10.53 -27.28
CA VAL B 276 13.64 9.48 -27.10
C VAL B 276 13.25 8.58 -25.93
N THR B 277 13.10 9.14 -24.73
CA THR B 277 12.87 8.33 -23.54
C THR B 277 11.48 7.69 -23.51
N ARG B 278 10.63 8.00 -24.50
CA ARG B 278 9.29 7.41 -24.65
C ARG B 278 8.57 7.23 -23.32
N SER B 279 8.46 8.32 -22.56
CA SER B 279 7.81 8.27 -21.26
C SER B 279 7.37 9.68 -20.88
N SER B 280 6.08 9.87 -20.60
CA SER B 280 5.59 11.19 -20.22
C SER B 280 6.00 11.55 -18.80
N SER B 281 5.63 10.71 -17.84
CA SER B 281 5.90 11.01 -16.43
C SER B 281 7.36 10.88 -16.05
N GLY B 282 8.24 10.60 -17.01
CA GLY B 282 9.66 10.54 -16.78
C GLY B 282 10.42 11.76 -17.25
N THR B 283 9.74 12.74 -17.86
CA THR B 283 10.40 13.94 -18.35
C THR B 283 9.83 15.20 -17.71
N LEU B 284 9.21 15.09 -16.53
CA LEU B 284 8.68 16.28 -15.86
C LEU B 284 9.75 17.31 -15.50
N PRO B 285 10.94 16.95 -15.00
CA PRO B 285 11.94 18.01 -14.76
C PRO B 285 12.27 18.80 -16.01
N VAL B 286 12.47 18.12 -17.14
CA VAL B 286 12.84 18.81 -18.37
C VAL B 286 11.72 19.71 -18.85
N THR B 287 10.49 19.20 -18.87
CA THR B 287 9.39 20.03 -19.38
C THR B 287 9.07 21.18 -18.44
N MET B 288 9.19 20.97 -17.12
CA MET B 288 8.93 22.06 -16.19
C MET B 288 10.02 23.12 -16.26
N ARG B 289 11.28 22.71 -16.41
CA ARG B 289 12.34 23.70 -16.51
C ARG B 289 12.30 24.44 -17.85
N VAL B 290 11.82 23.79 -18.91
CA VAL B 290 11.71 24.50 -20.18
C VAL B 290 10.45 25.36 -20.23
N ALA B 291 9.45 25.06 -19.40
CA ALA B 291 8.31 25.96 -19.26
C ALA B 291 8.64 27.16 -18.40
N GLU B 292 9.51 26.98 -17.41
CA GLU B 292 9.87 28.09 -16.53
C GLU B 292 10.94 28.98 -17.15
N GLU B 293 12.11 28.41 -17.45
CA GLU B 293 13.25 29.22 -17.86
C GLU B 293 13.15 29.72 -19.29
N GLU B 294 12.39 29.06 -20.15
CA GLU B 294 12.30 29.46 -21.55
C GLU B 294 10.90 29.90 -21.94
N MET B 295 9.88 29.10 -21.66
CA MET B 295 8.52 29.52 -21.96
C MET B 295 8.11 30.72 -21.11
N GLY B 296 8.45 30.69 -19.83
CA GLY B 296 8.19 31.85 -18.99
C GLY B 296 6.80 31.89 -18.39
N VAL B 297 6.45 30.86 -17.63
CA VAL B 297 5.17 30.81 -16.92
C VAL B 297 5.46 30.61 -15.44
N ASP B 298 4.79 31.39 -14.60
CA ASP B 298 5.10 31.38 -13.17
C ASP B 298 4.62 30.09 -12.52
N LYS B 299 5.01 29.91 -11.25
CA LYS B 299 4.73 28.69 -10.50
C LYS B 299 3.23 28.48 -10.27
N GLY B 300 2.41 29.44 -10.71
CA GLY B 300 0.98 29.27 -10.59
C GLY B 300 0.40 28.30 -11.61
N ILE B 301 1.10 28.06 -12.70
CA ILE B 301 0.62 27.22 -13.79
C ILE B 301 1.52 26.00 -14.00
N PHE B 302 2.79 26.23 -14.36
CA PHE B 302 3.66 25.11 -14.72
C PHE B 302 3.98 24.19 -13.55
N SER B 303 3.45 24.45 -12.35
CA SER B 303 3.63 23.56 -11.23
C SER B 303 2.41 22.69 -10.96
N PHE B 304 1.27 22.98 -11.59
CA PHE B 304 0.07 22.15 -11.47
C PHE B 304 -0.40 21.61 -12.80
N THR B 305 -0.52 22.47 -13.81
CA THR B 305 -1.04 22.03 -15.12
C THR B 305 -0.13 20.97 -15.74
N LEU B 306 1.19 21.18 -15.65
CA LEU B 306 2.11 20.22 -16.28
C LEU B 306 2.16 18.90 -15.52
N PRO B 307 2.26 18.85 -14.19
CA PRO B 307 2.18 17.56 -13.50
C PRO B 307 0.87 16.83 -13.75
N LEU B 308 -0.21 17.56 -14.05
CA LEU B 308 -1.47 16.93 -14.41
C LEU B 308 -1.48 16.54 -15.88
N GLY B 309 -1.10 17.50 -16.75
CA GLY B 309 -1.13 17.24 -18.17
C GLY B 309 -0.26 16.05 -18.59
N ALA B 310 0.91 15.93 -17.99
CA ALA B 310 1.79 14.82 -18.33
C ALA B 310 1.35 13.50 -17.72
N THR B 311 0.14 13.43 -17.20
CA THR B 311 -0.36 12.18 -16.64
C THR B 311 -1.74 11.86 -17.19
N ILE B 312 -2.55 12.88 -17.49
CA ILE B 312 -3.88 12.68 -18.05
C ILE B 312 -3.98 13.19 -19.48
N ASN B 313 -3.35 14.32 -19.79
CA ASN B 313 -3.42 14.87 -21.15
C ASN B 313 -2.49 14.06 -22.04
N MET B 314 -3.05 13.09 -22.75
CA MET B 314 -2.27 12.26 -23.66
C MET B 314 -2.97 12.26 -25.01
N ASP B 315 -2.51 13.15 -25.90
CA ASP B 315 -3.08 13.23 -27.24
C ASP B 315 -2.44 12.20 -28.16
N GLY B 316 -1.12 12.03 -28.06
CA GLY B 316 -0.44 11.04 -28.88
C GLY B 316 -0.94 9.64 -28.63
N THR B 317 -1.03 9.25 -27.34
CA THR B 317 -1.55 7.92 -27.01
C THR B 317 -3.00 7.76 -27.45
N ALA B 318 -3.79 8.83 -27.32
CA ALA B 318 -5.18 8.76 -27.75
C ALA B 318 -5.28 8.54 -29.26
N LEU B 319 -4.46 9.23 -30.04
CA LEU B 319 -4.47 9.03 -31.49
C LEU B 319 -3.95 7.65 -31.86
N TYR B 320 -2.93 7.17 -31.14
CA TYR B 320 -2.43 5.83 -31.33
C TYR B 320 -3.53 4.79 -31.14
N GLN B 321 -4.30 4.93 -30.06
CA GLN B 321 -5.40 4.00 -29.82
C GLN B 321 -6.48 4.15 -30.88
N GLY B 322 -6.77 5.39 -31.28
CA GLY B 322 -7.82 5.62 -32.27
C GLY B 322 -7.48 5.01 -33.62
N VAL B 323 -6.19 4.98 -33.97
CA VAL B 323 -5.81 4.35 -35.23
C VAL B 323 -5.68 2.84 -35.07
N THR B 324 -5.22 2.37 -33.91
CA THR B 324 -4.99 0.94 -33.74
C THR B 324 -6.32 0.18 -33.63
N VAL B 325 -7.33 0.79 -33.01
CA VAL B 325 -8.64 0.15 -32.96
C VAL B 325 -9.19 -0.04 -34.37
N LEU B 326 -9.14 1.00 -35.19
CA LEU B 326 -9.61 0.87 -36.57
C LEU B 326 -8.77 -0.12 -37.35
N PHE B 327 -7.47 -0.19 -37.08
CA PHE B 327 -6.62 -1.18 -37.73
C PHE B 327 -7.09 -2.60 -37.42
N VAL B 328 -7.18 -2.93 -36.12
CA VAL B 328 -7.56 -4.27 -35.71
C VAL B 328 -9.00 -4.58 -36.11
N ALA B 329 -9.84 -3.55 -36.31
CA ALA B 329 -11.19 -3.80 -36.79
C ALA B 329 -11.20 -4.11 -38.27
N ASN B 330 -10.43 -3.37 -39.06
CA ASN B 330 -10.32 -3.65 -40.50
C ASN B 330 -9.56 -4.94 -40.77
N ALA B 331 -8.79 -5.43 -39.81
CA ALA B 331 -7.98 -6.62 -40.05
C ALA B 331 -8.83 -7.88 -40.07
N ILE B 332 -9.65 -8.08 -39.05
CA ILE B 332 -10.41 -9.31 -38.91
C ILE B 332 -11.87 -9.14 -39.33
N GLY B 333 -12.16 -8.12 -40.15
CA GLY B 333 -13.48 -7.97 -40.74
C GLY B 333 -14.54 -7.39 -39.85
N HIS B 334 -14.36 -6.14 -39.42
CA HIS B 334 -15.40 -5.42 -38.69
C HIS B 334 -15.14 -3.92 -38.75
N PRO B 335 -15.23 -3.29 -39.93
CA PRO B 335 -14.96 -1.85 -40.02
C PRO B 335 -15.98 -1.05 -39.21
N LEU B 336 -15.49 -0.01 -38.54
CA LEU B 336 -16.34 0.79 -37.68
C LEU B 336 -17.19 1.76 -38.51
N THR B 337 -18.29 2.20 -37.92
CA THR B 337 -19.23 3.11 -38.55
C THR B 337 -19.32 4.40 -37.73
N LEU B 338 -20.29 5.25 -38.09
CA LEU B 338 -20.45 6.53 -37.42
C LEU B 338 -20.71 6.34 -35.93
N GLY B 339 -21.61 5.42 -35.57
CA GLY B 339 -21.86 5.18 -34.16
C GLY B 339 -20.67 4.55 -33.46
N GLN B 340 -20.03 3.58 -34.11
CA GLN B 340 -18.80 3.01 -33.57
C GLN B 340 -17.70 4.06 -33.46
N GLN B 341 -17.64 4.99 -34.41
CA GLN B 341 -16.68 6.09 -34.31
C GLN B 341 -16.98 6.98 -33.12
N LEU B 342 -18.25 7.32 -32.90
CA LEU B 342 -18.63 8.20 -31.81
C LEU B 342 -18.65 7.50 -30.46
N VAL B 343 -18.47 6.18 -30.42
CA VAL B 343 -18.30 5.53 -29.11
C VAL B 343 -16.80 5.30 -28.87
N VAL B 344 -16.03 5.08 -29.94
CA VAL B 344 -14.60 4.89 -29.73
C VAL B 344 -13.93 6.21 -29.38
N VAL B 345 -14.43 7.32 -29.92
CA VAL B 345 -13.87 8.61 -29.50
C VAL B 345 -14.18 8.86 -28.03
N LEU B 346 -15.30 8.33 -27.54
CA LEU B 346 -15.65 8.52 -26.13
C LEU B 346 -14.83 7.63 -25.22
N THR B 347 -14.54 6.41 -25.65
CA THR B 347 -13.84 5.47 -24.78
C THR B 347 -12.31 5.56 -24.88
N ALA B 348 -11.78 6.03 -26.01
CA ALA B 348 -10.33 6.20 -26.11
C ALA B 348 -9.84 7.32 -25.23
N VAL B 349 -10.65 8.37 -25.04
CA VAL B 349 -10.29 9.43 -24.11
C VAL B 349 -10.09 8.88 -22.71
N LEU B 350 -11.07 8.12 -22.22
CA LEU B 350 -11.01 7.55 -20.88
C LEU B 350 -10.06 6.37 -20.77
N ALA B 351 -9.60 5.82 -21.90
CA ALA B 351 -8.57 4.80 -21.86
C ALA B 351 -7.16 5.37 -21.94
N SER B 352 -7.01 6.58 -22.49
CA SER B 352 -5.71 7.25 -22.51
C SER B 352 -5.48 8.06 -21.24
N ILE B 353 -6.53 8.64 -20.68
CA ILE B 353 -6.37 9.42 -19.46
C ILE B 353 -5.94 8.53 -18.30
N GLY B 354 -6.52 7.33 -18.20
CA GLY B 354 -6.15 6.40 -17.16
C GLY B 354 -4.85 5.68 -17.38
N THR B 355 -4.10 6.04 -18.43
CA THR B 355 -2.83 5.40 -18.74
C THR B 355 -1.71 6.08 -17.97
N ALA B 356 -0.89 5.29 -17.29
CA ALA B 356 0.27 5.83 -16.60
C ALA B 356 1.30 6.36 -17.61
N GLY B 357 2.17 7.23 -17.13
CA GLY B 357 3.19 7.80 -17.98
C GLY B 357 4.47 6.99 -17.99
N VAL B 358 4.36 5.71 -18.31
CA VAL B 358 5.51 4.81 -18.37
C VAL B 358 5.56 4.20 -19.76
N PRO B 359 6.75 3.84 -20.23
CA PRO B 359 6.86 3.28 -21.58
C PRO B 359 6.03 2.02 -21.73
N GLY B 360 5.56 1.79 -22.96
CA GLY B 360 4.81 0.59 -23.27
C GLY B 360 3.51 0.43 -22.50
N ALA B 361 2.85 1.54 -22.16
CA ALA B 361 1.58 1.48 -21.45
C ALA B 361 0.38 1.74 -22.36
N GLY B 362 0.58 2.42 -23.48
CA GLY B 362 -0.49 2.57 -24.45
C GLY B 362 -0.93 1.22 -25.01
N ALA B 363 0.03 0.35 -25.31
CA ALA B 363 -0.30 -1.00 -25.74
C ALA B 363 -1.13 -1.73 -24.69
N ILE B 364 -0.76 -1.58 -23.41
CA ILE B 364 -1.51 -2.22 -22.34
C ILE B 364 -2.94 -1.69 -22.31
N MET B 365 -3.09 -0.37 -22.23
CA MET B 365 -4.43 0.21 -22.13
C MET B 365 -5.22 0.05 -23.42
N LEU B 366 -4.59 -0.35 -24.52
CA LEU B 366 -5.33 -0.71 -25.73
C LEU B 366 -6.32 -1.84 -25.47
N ALA B 367 -6.08 -2.67 -24.45
CA ALA B 367 -7.04 -3.69 -24.09
C ALA B 367 -8.34 -3.08 -23.59
N MET B 368 -8.24 -2.02 -22.78
CA MET B 368 -9.42 -1.38 -22.23
C MET B 368 -10.24 -0.64 -23.28
N VAL B 369 -9.73 -0.48 -24.49
CA VAL B 369 -10.50 0.09 -25.57
C VAL B 369 -10.91 -0.96 -26.60
N LEU B 370 -10.16 -2.05 -26.74
CA LEU B 370 -10.61 -3.14 -27.60
C LEU B 370 -11.77 -3.90 -26.97
N GLN B 371 -11.66 -4.21 -25.67
CA GLN B 371 -12.77 -4.81 -24.95
C GLN B 371 -14.01 -3.92 -24.97
N SER B 372 -13.83 -2.61 -25.11
CA SER B 372 -14.99 -1.71 -25.13
C SER B 372 -15.75 -1.85 -26.44
N VAL B 373 -15.09 -1.63 -27.57
CA VAL B 373 -15.77 -1.67 -28.87
C VAL B 373 -15.71 -3.10 -29.36
N GLY B 374 -16.66 -3.91 -28.92
CA GLY B 374 -16.93 -5.20 -29.51
C GLY B 374 -15.90 -6.30 -29.29
N LEU B 375 -14.63 -5.99 -29.56
CA LEU B 375 -13.61 -7.02 -29.66
C LEU B 375 -13.37 -7.71 -28.31
N ASP B 376 -12.79 -8.90 -28.38
CA ASP B 376 -12.38 -9.67 -27.23
C ASP B 376 -10.86 -9.71 -27.15
N LEU B 377 -10.34 -10.44 -26.15
CA LEU B 377 -8.90 -10.47 -25.93
C LEU B 377 -8.37 -11.86 -25.59
N THR B 378 -9.17 -12.91 -25.71
CA THR B 378 -8.70 -14.25 -25.36
C THR B 378 -7.62 -14.68 -26.35
N PRO B 379 -6.62 -15.45 -25.90
CA PRO B 379 -5.53 -15.85 -26.80
C PRO B 379 -5.95 -16.74 -27.95
N GLY B 380 -7.23 -17.16 -27.97
CA GLY B 380 -7.70 -18.01 -29.04
C GLY B 380 -8.14 -17.26 -30.28
N SER B 381 -8.72 -16.07 -30.10
CA SER B 381 -9.22 -15.30 -31.23
C SER B 381 -8.07 -14.75 -32.06
N PRO B 382 -8.34 -14.39 -33.33
CA PRO B 382 -7.30 -13.75 -34.14
C PRO B 382 -6.78 -12.44 -33.55
N VAL B 383 -7.51 -11.83 -32.61
CA VAL B 383 -7.02 -10.65 -31.94
C VAL B 383 -5.73 -10.93 -31.19
N ALA B 384 -5.50 -12.18 -30.78
CA ALA B 384 -4.23 -12.54 -30.19
C ALA B 384 -3.08 -12.49 -31.18
N LEU B 385 -3.37 -12.45 -32.49
CA LEU B 385 -2.36 -12.31 -33.52
C LEU B 385 -2.26 -10.87 -34.02
N ALA B 386 -3.39 -10.22 -34.26
CA ALA B 386 -3.38 -8.81 -34.65
C ALA B 386 -2.79 -7.95 -33.54
N TYR B 387 -3.38 -8.03 -32.34
CA TYR B 387 -2.85 -7.35 -31.17
C TYR B 387 -1.37 -7.63 -30.97
N ALA B 388 -0.90 -8.81 -31.38
CA ALA B 388 0.50 -9.15 -31.20
C ALA B 388 1.40 -8.35 -32.15
N MET B 389 0.93 -8.13 -33.38
CA MET B 389 1.76 -7.40 -34.34
C MET B 389 1.78 -5.91 -34.06
N ILE B 390 0.75 -5.38 -33.40
CA ILE B 390 0.78 -3.99 -32.95
C ILE B 390 1.80 -3.83 -31.83
N LEU B 391 1.67 -4.64 -30.77
CA LEU B 391 2.63 -4.65 -29.69
C LEU B 391 4.04 -4.96 -30.18
N GLY B 392 4.17 -5.59 -31.35
CA GLY B 392 5.49 -5.87 -31.90
C GLY B 392 6.26 -4.60 -32.22
N ILE B 393 5.58 -3.60 -32.79
CA ILE B 393 6.21 -2.33 -33.14
C ILE B 393 5.79 -1.23 -32.17
N ASP B 394 5.46 -1.61 -30.93
CA ASP B 394 5.07 -0.63 -29.91
C ASP B 394 6.08 0.50 -29.77
N ALA B 395 7.37 0.19 -29.97
CA ALA B 395 8.41 1.20 -29.74
C ALA B 395 8.33 2.34 -30.74
N ILE B 396 8.27 2.01 -32.03
CA ILE B 396 8.35 3.03 -33.07
C ILE B 396 7.11 3.92 -33.11
N LEU B 397 6.06 3.56 -32.39
CA LEU B 397 4.87 4.41 -32.26
C LEU B 397 4.82 5.13 -30.92
N ASP B 398 5.26 4.45 -29.85
CA ASP B 398 5.27 5.08 -28.53
C ASP B 398 6.29 6.21 -28.48
N MET B 399 7.46 6.02 -29.11
CA MET B 399 8.48 7.05 -29.11
C MET B 399 8.03 8.32 -29.83
N GLY B 400 6.91 8.28 -30.54
CA GLY B 400 6.38 9.48 -31.16
C GLY B 400 5.18 10.02 -30.41
N ARG B 401 4.32 9.11 -29.94
CA ARG B 401 3.13 9.56 -29.23
C ARG B 401 3.49 10.20 -27.89
N THR B 402 4.60 9.78 -27.27
CA THR B 402 5.04 10.46 -26.06
C THR B 402 5.48 11.89 -26.34
N MET B 403 6.23 12.07 -27.43
CA MET B 403 6.63 13.42 -27.83
C MET B 403 5.42 14.30 -28.08
N VAL B 404 4.42 13.77 -28.78
CA VAL B 404 3.23 14.56 -29.04
C VAL B 404 2.47 14.84 -27.75
N ASN B 405 2.44 13.89 -26.81
CA ASN B 405 1.82 14.12 -25.52
C ASN B 405 2.45 15.30 -24.79
N VAL B 406 3.78 15.30 -24.73
CA VAL B 406 4.47 16.37 -24.00
C VAL B 406 4.32 17.70 -24.72
N THR B 407 4.35 17.69 -26.05
CA THR B 407 4.14 18.93 -26.79
C THR B 407 2.75 19.49 -26.55
N GLY B 408 1.74 18.63 -26.50
CA GLY B 408 0.40 19.10 -26.18
C GLY B 408 0.30 19.60 -24.75
N ASP B 409 1.02 18.97 -23.84
CA ASP B 409 1.07 19.46 -22.45
C ASP B 409 1.61 20.89 -22.41
N LEU B 410 2.71 21.13 -23.11
CA LEU B 410 3.31 22.46 -23.12
C LEU B 410 2.39 23.47 -23.80
N ALA B 411 1.76 23.08 -24.91
CA ALA B 411 0.82 23.98 -25.56
C ALA B 411 -0.33 24.33 -24.63
N GLY B 412 -0.85 23.34 -23.90
CA GLY B 412 -1.97 23.60 -23.00
C GLY B 412 -1.61 24.51 -21.85
N THR B 413 -0.45 24.28 -21.23
CA THR B 413 -0.06 25.16 -20.13
C THR B 413 0.25 26.57 -20.63
N VAL B 414 0.86 26.68 -21.81
CA VAL B 414 1.14 28.00 -22.36
C VAL B 414 -0.15 28.73 -22.69
N ILE B 415 -1.16 28.01 -23.19
CA ILE B 415 -2.42 28.68 -23.51
C ILE B 415 -3.16 29.08 -22.25
N VAL B 416 -3.18 28.22 -21.24
CA VAL B 416 -3.82 28.58 -19.97
C VAL B 416 -3.13 29.78 -19.36
N ALA B 417 -1.81 29.89 -19.52
CA ALA B 417 -1.10 31.08 -19.04
C ALA B 417 -1.51 32.31 -19.85
N LYS B 418 -1.50 32.19 -21.18
CA LYS B 418 -1.85 33.31 -22.05
C LYS B 418 -3.29 33.78 -21.84
N THR B 419 -4.15 32.93 -21.28
CA THR B 419 -5.50 33.32 -20.93
C THR B 419 -5.59 33.75 -19.46
N GLU B 420 -4.45 33.83 -18.78
CA GLU B 420 -4.39 34.26 -17.41
C GLU B 420 -3.41 35.41 -17.19
N LYS B 421 -2.81 35.93 -18.26
CA LYS B 421 -1.89 37.07 -18.27
C LYS B 421 -0.57 36.78 -17.56
N GLU B 422 -0.38 35.58 -17.01
CA GLU B 422 0.87 35.23 -16.35
C GLU B 422 2.01 34.94 -17.31
N LEU B 423 1.76 35.02 -18.61
CA LEU B 423 2.77 34.65 -19.59
C LEU B 423 3.88 35.70 -19.66
N ASP B 424 5.13 35.23 -19.80
CA ASP B 424 6.29 36.11 -19.88
C ASP B 424 6.38 36.68 -21.30
N GLU B 425 5.76 37.84 -21.50
CA GLU B 425 5.75 38.47 -22.80
C GLU B 425 7.13 38.90 -23.29
N SER B 426 8.16 38.78 -22.45
CA SER B 426 9.49 39.24 -22.83
C SER B 426 10.18 38.29 -23.80
N LYS B 427 10.01 36.97 -23.60
CA LYS B 427 10.68 36.00 -24.46
C LYS B 427 10.18 36.07 -25.89
N TRP B 428 8.93 36.49 -26.10
CA TRP B 428 8.30 36.49 -27.41
C TRP B 428 8.52 37.76 -28.20
N ILE B 429 9.58 38.51 -27.89
CA ILE B 429 10.02 39.64 -28.69
C ILE B 429 11.55 39.57 -28.82
N SER B 430 12.06 40.33 -29.78
CA SER B 430 13.50 40.35 -30.04
C SER B 430 13.90 41.64 -30.74
N LEU C 5 -29.54 27.65 -6.44
CA LEU C 5 -28.88 28.94 -6.63
C LEU C 5 -27.38 28.82 -6.36
N LEU C 6 -26.60 29.65 -7.05
CA LEU C 6 -25.15 29.60 -6.92
C LEU C 6 -24.72 30.13 -5.56
N ARG C 7 -23.83 29.38 -4.89
CA ARG C 7 -23.20 29.78 -3.64
C ARG C 7 -24.21 29.84 -2.49
N ARG C 8 -25.48 29.62 -2.79
CA ARG C 8 -26.50 29.58 -1.73
C ARG C 8 -26.63 28.17 -1.16
N TYR C 9 -26.46 27.16 -2.01
CA TYR C 9 -26.48 25.77 -1.56
C TYR C 9 -25.50 25.55 -0.41
N LEU C 10 -24.25 25.99 -0.58
CA LEU C 10 -23.26 25.82 0.47
C LEU C 10 -23.61 26.58 1.74
N ASP C 11 -24.08 27.82 1.61
CA ASP C 11 -24.32 28.64 2.78
C ASP C 11 -25.49 28.12 3.60
N TYR C 12 -26.34 27.29 3.00
CA TYR C 12 -27.43 26.67 3.76
C TYR C 12 -26.83 25.76 4.83
N PRO C 13 -27.41 25.70 6.02
CA PRO C 13 -26.80 24.93 7.11
C PRO C 13 -26.72 23.44 6.76
N VAL C 14 -25.54 22.86 6.98
CA VAL C 14 -25.29 21.49 6.56
C VAL C 14 -26.13 20.52 7.37
N LEU C 15 -26.57 20.93 8.55
CA LEU C 15 -27.42 20.07 9.36
C LEU C 15 -28.85 20.05 8.85
N TRP C 16 -29.43 21.23 8.62
CA TRP C 16 -30.79 21.28 8.10
C TRP C 16 -30.85 20.83 6.65
N LYS C 17 -29.80 21.11 5.87
CA LYS C 17 -29.79 20.70 4.47
C LYS C 17 -29.76 19.18 4.34
N ILE C 18 -28.87 18.53 5.10
CA ILE C 18 -28.78 17.07 5.06
C ILE C 18 -30.05 16.41 5.52
N LEU C 19 -30.89 17.09 6.30
CA LEU C 19 -32.20 16.58 6.65
C LEU C 19 -33.25 16.91 5.61
N TRP C 20 -33.11 18.08 4.97
CA TRP C 20 -34.01 18.46 3.89
C TRP C 20 -33.88 17.51 2.71
N GLY C 21 -32.64 17.14 2.36
CA GLY C 21 -32.45 16.18 1.29
C GLY C 21 -33.05 14.83 1.60
N LEU C 22 -32.91 14.37 2.85
CA LEU C 22 -33.48 13.09 3.24
C LEU C 22 -35.00 13.11 3.30
N VAL C 23 -35.61 14.25 3.68
CA VAL C 23 -37.07 14.33 3.71
C VAL C 23 -37.66 14.57 2.31
N LEU C 24 -36.84 15.02 1.35
CA LEU C 24 -37.29 15.08 -0.04
C LEU C 24 -37.06 13.79 -0.80
N GLY C 25 -36.02 13.04 -0.44
CA GLY C 25 -35.73 11.79 -1.13
C GLY C 25 -36.85 10.77 -0.99
N ALA C 26 -37.47 10.71 0.18
CA ALA C 26 -38.59 9.80 0.38
C ALA C 26 -39.74 10.13 -0.57
N VAL C 27 -40.12 11.41 -0.63
CA VAL C 27 -41.20 11.83 -1.50
C VAL C 27 -40.87 11.54 -2.96
N PHE C 28 -39.63 11.80 -3.36
CA PHE C 28 -39.29 11.58 -4.77
C PHE C 28 -39.24 10.11 -5.10
N GLY C 29 -38.71 9.27 -4.20
CA GLY C 29 -38.73 7.84 -4.42
C GLY C 29 -40.14 7.30 -4.51
N LEU C 30 -41.06 7.85 -3.71
CA LEU C 30 -42.45 7.40 -3.77
C LEU C 30 -43.11 7.82 -5.08
N ILE C 31 -42.86 9.05 -5.54
CA ILE C 31 -43.43 9.46 -6.82
C ILE C 31 -42.82 8.66 -7.96
N ALA C 32 -41.56 8.23 -7.83
CA ALA C 32 -40.95 7.41 -8.85
C ALA C 32 -41.58 6.02 -8.88
N GLY C 33 -41.71 5.39 -7.71
CA GLY C 33 -42.43 4.13 -7.63
C GLY C 33 -43.85 4.22 -8.14
N HIS C 34 -44.47 5.39 -8.00
CA HIS C 34 -45.76 5.63 -8.62
C HIS C 34 -45.64 5.59 -10.14
N PHE C 35 -44.72 6.40 -10.70
CA PHE C 35 -44.45 6.34 -12.13
C PHE C 35 -43.91 5.00 -12.58
N GLY C 36 -43.44 4.15 -11.66
CA GLY C 36 -42.87 2.87 -12.04
C GLY C 36 -41.61 2.98 -12.87
N TYR C 37 -40.84 4.05 -12.69
CA TYR C 37 -39.61 4.29 -13.42
C TYR C 37 -38.38 4.06 -12.52
N ALA C 38 -38.44 3.03 -11.69
CA ALA C 38 -37.31 2.73 -10.80
C ALA C 38 -36.03 2.46 -11.58
N GLY C 39 -36.14 1.90 -12.78
CA GLY C 39 -34.95 1.71 -13.60
C GLY C 39 -34.34 3.02 -14.03
N ALA C 40 -35.16 4.01 -14.35
CA ALA C 40 -34.64 5.31 -14.76
C ALA C 40 -33.83 5.96 -13.64
N VAL C 41 -34.35 5.94 -12.41
CA VAL C 41 -33.62 6.52 -11.30
C VAL C 41 -32.46 5.65 -10.84
N LYS C 42 -32.51 4.34 -11.12
CA LYS C 42 -31.36 3.49 -10.81
C LYS C 42 -30.22 3.72 -11.80
N THR C 43 -30.54 4.08 -13.03
CA THR C 43 -29.51 4.34 -14.03
C THR C 43 -29.00 5.78 -14.02
N TYR C 44 -29.85 6.74 -13.64
CA TYR C 44 -29.48 8.15 -13.67
C TYR C 44 -28.98 8.65 -12.31
N ILE C 45 -29.80 8.48 -11.26
CA ILE C 45 -29.54 9.16 -10.00
C ILE C 45 -28.63 8.34 -9.09
N LYS C 46 -28.84 7.02 -9.06
CA LYS C 46 -28.02 6.15 -8.20
C LYS C 46 -26.52 6.41 -8.28
N PRO C 47 -25.92 6.69 -9.45
CA PRO C 47 -24.49 7.02 -9.46
C PRO C 47 -24.10 8.14 -8.51
N PHE C 48 -25.00 9.09 -8.22
CA PHE C 48 -24.68 10.12 -7.24
C PHE C 48 -24.48 9.51 -5.86
N GLY C 49 -25.41 8.67 -5.43
CA GLY C 49 -25.27 8.01 -4.14
C GLY C 49 -24.06 7.11 -4.08
N ASP C 50 -23.75 6.43 -5.19
CA ASP C 50 -22.56 5.59 -5.21
C ASP C 50 -21.28 6.41 -5.14
N LEU C 51 -21.26 7.57 -5.78
CA LEU C 51 -20.14 8.50 -5.64
C LEU C 51 -19.99 8.96 -4.19
N PHE C 52 -21.11 9.25 -3.53
CA PHE C 52 -21.06 9.68 -2.14
C PHE C 52 -20.52 8.58 -1.24
N VAL C 53 -20.96 7.34 -1.46
CA VAL C 53 -20.46 6.22 -0.66
C VAL C 53 -18.98 5.98 -0.93
N ARG C 54 -18.55 6.14 -2.19
CA ARG C 54 -17.14 5.99 -2.50
C ARG C 54 -16.30 7.05 -1.80
N LEU C 55 -16.82 8.28 -1.73
CA LEU C 55 -16.12 9.33 -0.99
C LEU C 55 -16.01 8.97 0.48
N LEU C 56 -17.13 8.60 1.10
CA LEU C 56 -17.10 8.25 2.52
C LEU C 56 -16.30 6.99 2.81
N LYS C 57 -16.00 6.18 1.79
CA LYS C 57 -15.04 5.10 1.96
C LYS C 57 -13.61 5.56 1.76
N MET C 58 -13.40 6.59 0.93
CA MET C 58 -12.08 7.21 0.82
C MET C 58 -11.66 7.83 2.15
N LEU C 59 -12.62 8.36 2.90
CA LEU C 59 -12.34 9.08 4.14
C LEU C 59 -12.47 8.20 5.37
N VAL C 60 -12.06 6.93 5.31
CA VAL C 60 -12.10 6.08 6.49
C VAL C 60 -10.71 5.65 6.96
N MET C 61 -9.79 5.34 6.05
CA MET C 61 -8.47 4.86 6.47
C MET C 61 -7.52 6.00 6.84
N PRO C 62 -7.37 7.04 6.01
CA PRO C 62 -6.47 8.15 6.41
C PRO C 62 -6.90 8.81 7.71
N ILE C 63 -8.20 9.04 7.89
CA ILE C 63 -8.68 9.66 9.12
C ILE C 63 -8.34 8.79 10.32
N VAL C 64 -8.66 7.50 10.24
CA VAL C 64 -8.43 6.64 11.41
C VAL C 64 -6.94 6.60 11.74
N LEU C 65 -6.09 6.44 10.73
CA LEU C 65 -4.65 6.38 10.98
C LEU C 65 -4.14 7.69 11.60
N ALA C 66 -4.29 8.80 10.88
CA ALA C 66 -3.73 10.06 11.33
C ALA C 66 -4.32 10.48 12.67
N SER C 67 -5.65 10.43 12.79
CA SER C 67 -6.30 10.93 13.99
C SER C 67 -5.99 10.05 15.20
N LEU C 68 -5.92 8.73 15.02
CA LEU C 68 -5.51 7.89 16.15
C LEU C 68 -4.10 8.20 16.57
N VAL C 69 -3.19 8.39 15.62
CA VAL C 69 -1.81 8.74 15.98
C VAL C 69 -1.78 10.03 16.77
N VAL C 70 -2.49 11.05 16.30
CA VAL C 70 -2.43 12.36 16.94
C VAL C 70 -3.06 12.31 18.32
N GLY C 71 -4.21 11.65 18.44
CA GLY C 71 -4.85 11.52 19.73
C GLY C 71 -4.01 10.75 20.74
N ALA C 72 -3.40 9.66 20.30
CA ALA C 72 -2.59 8.85 21.21
C ALA C 72 -1.22 9.44 21.47
N ALA C 73 -0.80 10.44 20.70
CA ALA C 73 0.47 11.11 20.98
C ALA C 73 0.30 12.45 21.67
N SER C 74 -0.91 13.00 21.72
CA SER C 74 -1.17 14.24 22.43
C SER C 74 -1.53 14.01 23.90
N ILE C 75 -1.38 12.78 24.40
CA ILE C 75 -1.72 12.43 25.77
C ILE C 75 -0.49 11.83 26.44
N SER C 76 -0.28 12.16 27.71
CA SER C 76 0.75 11.48 28.48
C SER C 76 0.43 10.00 28.58
N PRO C 77 1.43 9.12 28.50
CA PRO C 77 1.14 7.68 28.46
C PRO C 77 0.37 7.16 29.66
N ALA C 78 0.52 7.76 30.84
CA ALA C 78 -0.25 7.32 31.99
C ALA C 78 -1.73 7.65 31.82
N ARG C 79 -2.03 8.92 31.52
CA ARG C 79 -3.41 9.31 31.25
C ARG C 79 -3.95 8.57 30.05
N LEU C 80 -3.12 8.34 29.04
CA LEU C 80 -3.55 7.60 27.85
C LEU C 80 -3.95 6.18 28.23
N GLY C 81 -3.16 5.52 29.07
CA GLY C 81 -3.51 4.18 29.49
C GLY C 81 -4.78 4.14 30.31
N ARG C 82 -4.90 5.07 31.26
CA ARG C 82 -6.11 5.13 32.08
C ARG C 82 -7.35 5.28 31.22
N VAL C 83 -7.34 6.28 30.33
CA VAL C 83 -8.50 6.53 29.47
C VAL C 83 -8.70 5.37 28.51
N GLY C 84 -7.63 4.74 28.05
CA GLY C 84 -7.78 3.62 27.12
C GLY C 84 -8.48 2.45 27.75
N VAL C 85 -8.09 2.09 28.98
CA VAL C 85 -8.79 1.01 29.68
C VAL C 85 -10.23 1.42 29.96
N LYS C 86 -10.43 2.62 30.52
CA LYS C 86 -11.77 3.07 30.88
C LYS C 86 -12.68 3.21 29.66
N ILE C 87 -12.12 3.27 28.45
CA ILE C 87 -12.94 3.41 27.26
C ILE C 87 -13.13 2.06 26.58
N VAL C 88 -12.12 1.18 26.66
CA VAL C 88 -12.23 -0.12 26.03
C VAL C 88 -13.18 -1.03 26.81
N VAL C 89 -13.07 -1.01 28.14
CA VAL C 89 -14.03 -1.78 28.94
C VAL C 89 -15.45 -1.32 28.66
N TYR C 90 -15.64 0.00 28.55
CA TYR C 90 -16.97 0.52 28.25
C TYR C 90 -17.44 0.05 26.87
N TYR C 91 -16.58 0.17 25.86
CA TYR C 91 -16.97 -0.22 24.51
C TYR C 91 -17.38 -1.68 24.47
N LEU C 92 -16.58 -2.56 25.07
CA LEU C 92 -16.91 -3.98 25.04
C LEU C 92 -18.18 -4.27 25.82
N ALA C 93 -18.34 -3.67 27.01
CA ALA C 93 -19.53 -3.92 27.81
C ALA C 93 -20.79 -3.47 27.09
N THR C 94 -20.77 -2.27 26.51
CA THR C 94 -21.96 -1.76 25.83
C THR C 94 -22.21 -2.51 24.52
N SER C 95 -21.18 -2.98 23.84
CA SER C 95 -21.39 -3.78 22.64
C SER C 95 -22.07 -5.10 23.00
N ALA C 96 -21.60 -5.76 24.06
CA ALA C 96 -22.23 -7.01 24.49
C ALA C 96 -23.66 -6.76 24.96
N MET C 97 -23.89 -5.65 25.67
CA MET C 97 -25.23 -5.33 26.12
C MET C 97 -26.16 -5.03 24.95
N ALA C 98 -25.65 -4.35 23.92
CA ALA C 98 -26.45 -4.07 22.74
C ALA C 98 -26.80 -5.37 22.00
N VAL C 99 -25.85 -6.28 21.89
CA VAL C 99 -26.14 -7.55 21.24
C VAL C 99 -27.17 -8.35 22.04
N PHE C 100 -27.06 -8.32 23.37
CA PHE C 100 -28.04 -9.02 24.20
C PHE C 100 -29.42 -8.38 24.07
N PHE C 101 -29.49 -7.06 24.03
CA PHE C 101 -30.77 -6.39 23.85
C PHE C 101 -31.37 -6.71 22.48
N GLY C 102 -30.52 -6.81 21.46
CA GLY C 102 -30.99 -7.24 20.16
C GLY C 102 -31.56 -8.63 20.18
N LEU C 103 -30.87 -9.55 20.86
CA LEU C 103 -31.37 -10.91 20.97
C LEU C 103 -32.69 -10.95 21.74
N ILE C 104 -32.83 -10.10 22.76
CA ILE C 104 -34.07 -10.04 23.54
C ILE C 104 -35.21 -9.57 22.65
N VAL C 105 -35.04 -8.42 21.98
CA VAL C 105 -36.11 -7.88 21.16
C VAL C 105 -36.42 -8.83 20.01
N GLY C 106 -35.43 -9.59 19.53
CA GLY C 106 -35.71 -10.62 18.55
C GLY C 106 -36.60 -11.71 19.11
N ARG C 107 -36.25 -12.22 20.30
CA ARG C 107 -37.03 -13.28 20.92
C ARG C 107 -38.42 -12.82 21.32
N LEU C 108 -38.65 -11.53 21.50
CA LEU C 108 -39.99 -11.06 21.87
C LEU C 108 -40.82 -10.61 20.69
N PHE C 109 -40.21 -10.07 19.63
CA PHE C 109 -40.95 -9.74 18.42
C PHE C 109 -41.10 -10.91 17.47
N ASN C 110 -40.33 -11.97 17.65
CA ASN C 110 -40.37 -13.16 16.79
C ASN C 110 -40.08 -12.76 15.34
N VAL C 111 -38.86 -12.28 15.12
CA VAL C 111 -38.44 -11.87 13.79
C VAL C 111 -38.26 -13.11 12.90
N GLY C 112 -38.59 -12.96 11.63
CA GLY C 112 -38.51 -14.08 10.69
C GLY C 112 -39.45 -15.20 11.03
N ALA C 113 -40.75 -14.90 11.17
CA ALA C 113 -41.70 -15.92 11.61
C ALA C 113 -42.05 -16.89 10.50
N ASN C 114 -42.66 -16.40 9.41
CA ASN C 114 -43.14 -17.25 8.32
C ASN C 114 -42.63 -16.70 6.98
N VAL C 115 -41.45 -17.15 6.58
CA VAL C 115 -40.94 -16.88 5.25
C VAL C 115 -40.93 -18.14 4.38
N ASN C 116 -40.80 -19.32 4.98
CA ASN C 116 -40.95 -20.60 4.28
C ASN C 116 -39.90 -20.78 3.18
N LEU C 117 -38.67 -20.34 3.46
CA LEU C 117 -37.57 -20.65 2.55
C LEU C 117 -37.27 -22.15 2.55
N GLY C 118 -37.36 -22.79 3.72
CA GLY C 118 -37.30 -24.24 3.80
C GLY C 118 -35.95 -24.85 3.49
N SER C 119 -34.95 -24.59 4.33
CA SER C 119 -33.66 -25.25 4.17
C SER C 119 -33.77 -26.72 4.55
N GLY C 120 -33.08 -27.56 3.78
CA GLY C 120 -33.12 -28.99 4.03
C GLY C 120 -32.44 -29.38 5.33
N THR C 121 -32.66 -30.63 5.72
CA THR C 121 -32.06 -31.18 6.93
C THR C 121 -30.64 -31.66 6.67
N GLY C 122 -29.79 -30.79 6.12
CA GLY C 122 -28.44 -31.17 5.77
C GLY C 122 -27.41 -30.69 6.77
N LYS C 123 -26.46 -29.90 6.31
CA LYS C 123 -25.35 -29.43 7.15
C LYS C 123 -25.86 -28.39 8.15
N ALA C 124 -26.11 -28.83 9.38
CA ALA C 124 -26.56 -27.92 10.43
C ALA C 124 -25.90 -28.16 11.78
N ILE C 125 -25.16 -29.26 11.98
CA ILE C 125 -24.65 -29.57 13.31
C ILE C 125 -23.43 -28.73 13.65
N GLU C 126 -22.58 -28.45 12.67
CA GLU C 126 -21.43 -27.58 12.88
C GLU C 126 -21.91 -26.14 13.03
N ALA C 127 -21.96 -25.65 14.27
CA ALA C 127 -22.62 -24.39 14.56
C ALA C 127 -21.88 -23.44 15.48
N GLN C 128 -20.74 -23.83 16.06
CA GLN C 128 -20.03 -22.97 17.01
C GLN C 128 -18.52 -23.20 16.92
N PRO C 129 -17.89 -22.75 15.83
CA PRO C 129 -16.43 -22.59 15.82
C PRO C 129 -16.00 -21.16 16.10
N PRO C 130 -16.06 -20.67 17.35
CA PRO C 130 -15.63 -19.29 17.60
C PRO C 130 -14.11 -19.20 17.68
N SER C 131 -13.50 -18.64 16.64
CA SER C 131 -12.05 -18.51 16.56
C SER C 131 -11.63 -17.22 17.26
N LEU C 132 -11.79 -17.23 18.58
CA LEU C 132 -11.50 -16.05 19.38
C LEU C 132 -10.02 -15.68 19.33
N VAL C 133 -9.15 -16.63 19.66
CA VAL C 133 -7.72 -16.33 19.78
C VAL C 133 -7.13 -15.88 18.46
N GLN C 134 -7.59 -16.45 17.34
CA GLN C 134 -7.02 -16.07 16.05
C GLN C 134 -7.50 -14.68 15.62
N THR C 135 -8.80 -14.41 15.76
CA THR C 135 -9.32 -13.10 15.41
C THR C 135 -8.88 -12.02 16.39
N LEU C 136 -8.33 -12.40 17.54
CA LEU C 136 -7.72 -11.43 18.44
C LEU C 136 -6.24 -11.24 18.16
N LEU C 137 -5.56 -12.29 17.69
CA LEU C 137 -4.18 -12.15 17.24
C LEU C 137 -4.10 -11.42 15.90
N ASN C 138 -5.22 -11.33 15.17
CA ASN C 138 -5.26 -10.56 13.94
C ASN C 138 -5.33 -9.06 14.18
N ILE C 139 -5.17 -8.61 15.43
CA ILE C 139 -5.16 -7.19 15.72
C ILE C 139 -3.81 -6.59 15.36
N VAL C 140 -2.72 -7.23 15.78
CA VAL C 140 -1.38 -6.76 15.47
C VAL C 140 -1.12 -6.96 13.98
N PRO C 141 -0.85 -5.89 13.22
CA PRO C 141 -0.66 -6.05 11.79
C PRO C 141 0.65 -6.77 11.48
N THR C 142 0.60 -7.64 10.47
CA THR C 142 1.81 -8.32 10.04
C THR C 142 2.73 -7.38 9.27
N ASN C 143 2.15 -6.48 8.48
CA ASN C 143 2.90 -5.46 7.76
C ASN C 143 1.98 -4.26 7.62
N PRO C 144 2.20 -3.21 8.42
CA PRO C 144 1.19 -2.14 8.51
C PRO C 144 0.87 -1.48 7.18
N PHE C 145 1.82 -1.39 6.26
CA PHE C 145 1.51 -0.86 4.94
C PHE C 145 0.53 -1.76 4.20
N ALA C 146 0.68 -3.07 4.35
CA ALA C 146 -0.30 -4.00 3.78
C ALA C 146 -1.67 -3.79 4.39
N SER C 147 -1.75 -3.82 5.72
CA SER C 147 -3.02 -3.61 6.41
C SER C 147 -3.63 -2.24 6.12
N LEU C 148 -2.84 -1.29 5.62
CA LEU C 148 -3.42 -0.05 5.11
C LEU C 148 -3.94 -0.23 3.69
N ALA C 149 -3.20 -0.96 2.86
CA ALA C 149 -3.59 -1.14 1.47
C ALA C 149 -4.87 -1.98 1.35
N LYS C 150 -4.84 -3.20 1.89
CA LYS C 150 -5.97 -4.12 1.72
C LYS C 150 -7.26 -3.57 2.33
N GLY C 151 -7.17 -2.67 3.31
CA GLY C 151 -8.33 -2.04 3.88
C GLY C 151 -8.70 -2.47 5.28
N GLU C 152 -7.94 -3.37 5.90
CA GLU C 152 -8.21 -3.73 7.28
C GLU C 152 -8.10 -2.51 8.18
N VAL C 153 -8.95 -2.46 9.20
CA VAL C 153 -9.06 -1.27 10.04
C VAL C 153 -8.36 -1.48 11.37
N LEU C 154 -8.75 -2.52 12.10
CA LEU C 154 -8.22 -2.74 13.44
C LEU C 154 -6.70 -2.88 13.49
N PRO C 155 -6.04 -3.55 12.54
CA PRO C 155 -4.56 -3.51 12.55
C PRO C 155 -4.00 -2.11 12.40
N VAL C 156 -4.60 -1.30 11.53
CA VAL C 156 -4.16 0.09 11.37
C VAL C 156 -4.37 0.85 12.67
N ILE C 157 -5.48 0.58 13.36
CA ILE C 157 -5.74 1.25 14.64
C ILE C 157 -4.67 0.90 15.66
N PHE C 158 -4.33 -0.39 15.76
CA PHE C 158 -3.30 -0.79 16.72
C PHE C 158 -1.96 -0.18 16.38
N PHE C 159 -1.58 -0.22 15.10
CA PHE C 159 -0.29 0.33 14.71
C PHE C 159 -0.24 1.84 14.94
N ALA C 160 -1.35 2.54 14.67
CA ALA C 160 -1.39 3.97 14.89
C ALA C 160 -1.31 4.31 16.37
N ILE C 161 -1.96 3.52 17.22
CA ILE C 161 -1.91 3.85 18.64
C ILE C 161 -0.53 3.55 19.21
N ILE C 162 0.14 2.51 18.70
CA ILE C 162 1.48 2.24 19.21
C ILE C 162 2.48 3.26 18.68
N LEU C 163 2.27 3.77 17.46
CA LEU C 163 3.12 4.85 16.98
C LEU C 163 2.88 6.13 17.76
N GLY C 164 1.62 6.39 18.14
CA GLY C 164 1.35 7.55 18.97
C GLY C 164 2.01 7.45 20.33
N ILE C 165 1.97 6.26 20.93
CA ILE C 165 2.66 6.07 22.21
C ILE C 165 4.16 6.28 22.06
N ALA C 166 4.75 5.70 21.00
CA ALA C 166 6.18 5.91 20.75
C ALA C 166 6.50 7.38 20.61
N ILE C 167 5.69 8.11 19.85
CA ILE C 167 5.96 9.53 19.62
C ILE C 167 5.85 10.33 20.92
N THR C 168 4.80 10.08 21.70
CA THR C 168 4.69 10.80 22.97
C THR C 168 5.77 10.38 23.97
N TYR C 169 6.41 9.23 23.76
CA TYR C 169 7.60 8.91 24.54
C TYR C 169 8.85 9.59 23.98
N LEU C 170 8.82 9.96 22.70
CA LEU C 170 9.99 10.58 22.10
C LEU C 170 10.14 12.04 22.50
N MET C 171 9.04 12.79 22.54
CA MET C 171 9.12 14.23 22.79
C MET C 171 9.61 14.53 24.20
N ASN C 172 9.83 13.51 25.01
CA ASN C 172 10.42 13.65 26.33
C ASN C 172 11.88 13.20 26.37
N ARG C 173 12.50 12.98 25.22
CA ARG C 173 13.88 12.52 25.14
C ARG C 173 14.82 13.72 25.07
N ASN C 174 16.10 13.47 25.41
CA ASN C 174 17.06 14.55 25.58
C ASN C 174 17.80 14.92 24.31
N GLU C 175 18.04 13.96 23.42
CA GLU C 175 18.80 14.26 22.21
C GLU C 175 17.98 15.18 21.31
N GLU C 176 18.49 16.40 21.08
CA GLU C 176 17.69 17.44 20.45
C GLU C 176 17.35 17.12 19.00
N ARG C 177 18.15 16.29 18.34
CA ARG C 177 17.82 15.89 16.97
C ARG C 177 16.68 14.90 16.91
N VAL C 178 16.28 14.33 18.04
CA VAL C 178 15.19 13.36 18.10
C VAL C 178 13.88 14.02 18.51
N ARG C 179 13.93 14.94 19.48
CA ARG C 179 12.73 15.67 19.87
C ARG C 179 12.18 16.47 18.70
N LYS C 180 13.05 17.18 17.99
CA LYS C 180 12.63 18.01 16.87
C LYS C 180 12.22 17.19 15.65
N SER C 181 12.50 15.89 15.62
CA SER C 181 11.99 15.04 14.56
C SER C 181 10.68 14.39 14.95
N ALA C 182 10.53 14.01 16.22
CA ALA C 182 9.24 13.52 16.69
C ALA C 182 8.18 14.62 16.62
N GLU C 183 8.55 15.84 16.98
CA GLU C 183 7.63 16.97 16.82
C GLU C 183 7.21 17.13 15.36
N THR C 184 8.15 16.98 14.43
CA THR C 184 7.83 17.17 13.03
C THR C 184 6.93 16.06 12.51
N LEU C 185 7.17 14.82 12.93
CA LEU C 185 6.29 13.73 12.52
C LEU C 185 4.90 13.88 13.11
N LEU C 186 4.81 14.31 14.37
CA LEU C 186 3.51 14.53 14.99
C LEU C 186 2.76 15.65 14.29
N ARG C 187 3.46 16.73 13.92
CA ARG C 187 2.79 17.81 13.22
C ARG C 187 2.41 17.40 11.79
N VAL C 188 3.17 16.49 11.18
CA VAL C 188 2.76 15.95 9.89
C VAL C 188 1.44 15.22 10.01
N PHE C 189 1.35 14.30 10.97
CA PHE C 189 0.10 13.55 11.13
C PHE C 189 -1.04 14.45 11.59
N ASP C 190 -0.74 15.52 12.33
CA ASP C 190 -1.78 16.45 12.74
C ASP C 190 -2.30 17.24 11.54
N GLY C 191 -1.41 17.72 10.68
CA GLY C 191 -1.84 18.37 9.45
C GLY C 191 -2.65 17.43 8.58
N LEU C 192 -2.28 16.15 8.55
CA LEU C 192 -3.03 15.18 7.77
C LEU C 192 -4.44 15.00 8.33
N ALA C 193 -4.56 14.81 9.64
CA ALA C 193 -5.87 14.64 10.25
C ALA C 193 -6.74 15.88 10.06
N GLU C 194 -6.15 17.06 10.12
CA GLU C 194 -6.94 18.28 9.96
C GLU C 194 -7.36 18.48 8.52
N ALA C 195 -6.47 18.21 7.56
CA ALA C 195 -6.88 18.21 6.16
C ALA C 195 -8.00 17.22 5.92
N MET C 196 -7.98 16.08 6.63
CA MET C 196 -9.05 15.11 6.45
C MET C 196 -10.35 15.60 7.05
N TYR C 197 -10.29 16.32 8.18
CA TYR C 197 -11.52 16.91 8.71
C TYR C 197 -12.09 17.96 7.78
N LEU C 198 -11.22 18.75 7.12
CA LEU C 198 -11.72 19.69 6.13
C LEU C 198 -12.34 18.97 4.94
N ILE C 199 -11.72 17.88 4.49
CA ILE C 199 -12.28 17.11 3.37
C ILE C 199 -13.62 16.52 3.76
N VAL C 200 -13.77 16.09 5.01
CA VAL C 200 -15.06 15.56 5.45
C VAL C 200 -16.09 16.69 5.56
N GLY C 201 -15.66 17.88 5.94
CA GLY C 201 -16.57 19.02 5.89
C GLY C 201 -17.08 19.28 4.49
N GLY C 202 -16.19 19.20 3.50
CA GLY C 202 -16.61 19.35 2.12
C GLY C 202 -17.55 18.25 1.68
N VAL C 203 -17.23 17.01 2.04
CA VAL C 203 -18.09 15.88 1.68
C VAL C 203 -19.46 16.01 2.32
N MET C 204 -19.51 16.54 3.54
CA MET C 204 -20.80 16.77 4.18
C MET C 204 -21.57 17.91 3.50
N GLN C 205 -20.87 18.95 3.06
CA GLN C 205 -21.52 19.98 2.26
C GLN C 205 -22.13 19.39 0.99
N TYR C 206 -21.45 18.40 0.39
CA TYR C 206 -21.98 17.67 -0.76
C TYR C 206 -23.05 16.65 -0.38
N ALA C 207 -23.10 16.25 0.88
CA ALA C 207 -23.89 15.10 1.27
C ALA C 207 -25.39 15.19 1.02
N PRO C 208 -26.03 16.35 1.03
CA PRO C 208 -27.48 16.36 0.73
C PRO C 208 -27.82 15.83 -0.65
N ILE C 209 -27.04 16.18 -1.67
CA ILE C 209 -27.33 15.68 -3.01
C ILE C 209 -27.02 14.19 -3.11
N GLY C 210 -26.18 13.68 -2.21
CA GLY C 210 -25.90 12.26 -2.21
C GLY C 210 -26.95 11.45 -1.47
N VAL C 211 -27.49 12.02 -0.39
CA VAL C 211 -28.58 11.37 0.34
C VAL C 211 -29.85 11.38 -0.50
N PHE C 212 -30.13 12.49 -1.18
CA PHE C 212 -31.27 12.53 -2.08
C PHE C 212 -31.13 11.54 -3.23
N ALA C 213 -29.93 10.98 -3.42
CA ALA C 213 -29.78 9.89 -4.38
C ALA C 213 -29.94 8.54 -3.71
N LEU C 214 -29.21 8.32 -2.61
CA LEU C 214 -29.24 7.02 -1.93
C LEU C 214 -30.65 6.68 -1.47
N ILE C 215 -31.26 7.54 -0.65
CA ILE C 215 -32.56 7.19 -0.08
C ILE C 215 -33.64 7.20 -1.16
N ALA C 216 -33.49 8.03 -2.19
CA ALA C 216 -34.50 8.05 -3.25
C ALA C 216 -34.46 6.78 -4.08
N TYR C 217 -33.27 6.30 -4.42
CA TYR C 217 -33.16 5.04 -5.12
C TYR C 217 -33.66 3.89 -4.26
N VAL C 218 -33.30 3.90 -2.96
CA VAL C 218 -33.77 2.85 -2.06
C VAL C 218 -35.29 2.84 -1.99
N MET C 219 -35.91 4.01 -1.91
CA MET C 219 -37.37 4.08 -1.91
C MET C 219 -37.94 3.56 -3.23
N ALA C 220 -37.57 4.20 -4.34
CA ALA C 220 -38.14 3.85 -5.63
C ALA C 220 -37.94 2.38 -5.98
N GLU C 221 -36.88 1.75 -5.46
CA GLU C 221 -36.66 0.34 -5.71
C GLU C 221 -37.39 -0.55 -4.71
N GLN C 222 -37.45 -0.15 -3.44
CA GLN C 222 -38.16 -0.88 -2.40
C GLN C 222 -39.41 -0.16 -1.94
N GLY C 223 -40.05 0.63 -2.82
CA GLY C 223 -41.29 1.29 -2.47
C GLY C 223 -42.41 0.35 -2.08
N VAL C 224 -42.35 -0.91 -2.53
CA VAL C 224 -43.33 -1.92 -2.15
C VAL C 224 -42.69 -3.06 -1.38
N ARG C 225 -41.37 -3.10 -1.25
CA ARG C 225 -40.65 -4.17 -0.57
C ARG C 225 -40.60 -3.97 0.94
N VAL C 226 -41.44 -3.12 1.50
CA VAL C 226 -41.47 -2.87 2.94
C VAL C 226 -42.83 -3.25 3.48
N VAL C 227 -43.49 -4.20 2.83
CA VAL C 227 -44.82 -4.63 3.21
C VAL C 227 -44.80 -6.02 3.84
N GLY C 228 -43.93 -6.92 3.35
CA GLY C 228 -43.90 -8.29 3.80
C GLY C 228 -43.32 -8.46 5.18
N PRO C 229 -42.76 -9.64 5.46
CA PRO C 229 -42.22 -9.92 6.80
C PRO C 229 -41.02 -9.06 7.16
N LEU C 230 -40.53 -8.27 6.21
CA LEU C 230 -39.46 -7.32 6.52
C LEU C 230 -39.96 -6.17 7.36
N ALA C 231 -41.28 -5.94 7.39
CA ALA C 231 -41.85 -4.94 8.29
C ALA C 231 -41.50 -5.24 9.74
N LYS C 232 -41.61 -6.52 10.13
CA LYS C 232 -41.22 -6.90 11.48
C LYS C 232 -39.73 -6.69 11.71
N VAL C 233 -38.91 -6.88 10.68
CA VAL C 233 -37.47 -6.66 10.86
C VAL C 233 -37.17 -5.19 11.10
N VAL C 234 -37.77 -4.31 10.29
CA VAL C 234 -37.50 -2.88 10.42
C VAL C 234 -38.19 -2.29 11.64
N GLY C 235 -39.22 -2.95 12.16
CA GLY C 235 -39.83 -2.52 13.40
C GLY C 235 -39.26 -3.14 14.64
N ALA C 236 -38.44 -4.18 14.48
CA ALA C 236 -37.71 -4.76 15.59
C ALA C 236 -36.35 -4.11 15.75
N VAL C 237 -35.68 -3.77 14.65
CA VAL C 237 -34.36 -3.14 14.78
C VAL C 237 -34.46 -1.74 15.36
N TYR C 238 -35.49 -0.97 14.96
CA TYR C 238 -35.66 0.36 15.53
C TYR C 238 -36.07 0.30 16.99
N THR C 239 -36.96 -0.62 17.35
CA THR C 239 -37.32 -0.78 18.75
C THR C 239 -36.13 -1.24 19.57
N GLY C 240 -35.28 -2.10 19.00
CA GLY C 240 -34.07 -2.50 19.69
C GLY C 240 -33.11 -1.35 19.89
N LEU C 241 -32.96 -0.50 18.88
CA LEU C 241 -32.08 0.66 19.02
C LEU C 241 -32.61 1.64 20.06
N PHE C 242 -33.91 1.92 20.03
CA PHE C 242 -34.50 2.82 21.02
C PHE C 242 -34.36 2.25 22.43
N LEU C 243 -34.59 0.95 22.58
CA LEU C 243 -34.43 0.32 23.88
C LEU C 243 -32.99 0.38 24.35
N GLN C 244 -32.05 0.04 23.45
CA GLN C 244 -30.63 0.18 23.69
C GLN C 244 -30.31 1.54 24.27
N ILE C 245 -30.70 2.60 23.56
CA ILE C 245 -30.40 3.96 24.03
C ILE C 245 -31.00 4.18 25.42
N VAL C 246 -32.33 4.10 25.51
CA VAL C 246 -33.04 4.60 26.69
C VAL C 246 -32.84 3.68 27.89
N ILE C 247 -32.20 2.53 27.72
CA ILE C 247 -32.03 1.64 28.86
C ILE C 247 -30.56 1.47 29.23
N THR C 248 -29.65 1.61 28.26
CA THR C 248 -28.24 1.51 28.59
C THR C 248 -27.62 2.89 28.81
N TYR C 249 -27.76 3.79 27.83
CA TYR C 249 -27.10 5.08 27.93
C TYR C 249 -27.73 5.91 29.05
N PHE C 250 -29.04 5.83 29.21
CA PHE C 250 -29.69 6.54 30.30
C PHE C 250 -29.21 6.05 31.65
N ILE C 251 -29.20 4.72 31.84
CA ILE C 251 -28.73 4.17 33.12
C ILE C 251 -27.32 4.63 33.40
N LEU C 252 -26.41 4.42 32.45
CA LEU C 252 -25.01 4.77 32.66
C LEU C 252 -24.85 6.25 32.99
N LEU C 253 -25.42 7.12 32.15
CA LEU C 253 -25.23 8.55 32.31
C LEU C 253 -25.84 9.05 33.63
N LYS C 254 -27.06 8.61 33.93
CA LYS C 254 -27.71 9.05 35.16
C LYS C 254 -26.97 8.55 36.40
N VAL C 255 -26.39 7.35 36.34
CA VAL C 255 -25.58 6.87 37.46
C VAL C 255 -24.34 7.73 37.62
N PHE C 256 -23.63 7.99 36.53
CA PHE C 256 -22.37 8.72 36.63
C PHE C 256 -22.56 10.20 36.90
N GLY C 257 -23.76 10.74 36.74
CA GLY C 257 -24.03 12.10 37.17
C GLY C 257 -24.68 13.00 36.13
N ILE C 258 -24.24 12.88 34.87
CA ILE C 258 -24.83 13.69 33.80
C ILE C 258 -26.29 13.31 33.61
N ASP C 259 -27.13 14.31 33.35
CA ASP C 259 -28.52 14.05 33.06
C ASP C 259 -28.68 13.64 31.60
N PRO C 260 -29.30 12.49 31.32
CA PRO C 260 -29.36 12.01 29.93
C PRO C 260 -30.22 12.86 29.02
N ILE C 261 -31.28 13.47 29.55
CA ILE C 261 -32.10 14.38 28.75
C ILE C 261 -31.22 15.46 28.12
N LYS C 262 -30.39 16.11 28.94
CA LYS C 262 -29.46 17.10 28.42
C LYS C 262 -28.47 16.49 27.45
N PHE C 263 -28.08 15.23 27.68
CA PHE C 263 -27.15 14.56 26.76
C PHE C 263 -27.74 14.46 25.37
N ILE C 264 -28.96 13.95 25.25
CA ILE C 264 -29.60 13.86 23.94
C ILE C 264 -29.84 15.25 23.37
N ARG C 265 -30.28 16.19 24.21
CA ARG C 265 -30.59 17.53 23.74
C ARG C 265 -29.36 18.21 23.13
N LYS C 266 -28.19 17.93 23.69
CA LYS C 266 -26.96 18.52 23.17
C LYS C 266 -26.34 17.71 22.05
N ALA C 267 -26.57 16.40 22.00
CA ALA C 267 -25.98 15.55 20.99
C ALA C 267 -26.83 15.40 19.73
N LYS C 268 -28.07 15.89 19.74
CA LYS C 268 -28.94 15.70 18.59
C LYS C 268 -28.33 16.28 17.31
N ASP C 269 -27.55 17.35 17.42
CA ASP C 269 -26.98 17.98 16.24
C ASP C 269 -25.94 17.10 15.55
N ALA C 270 -25.50 16.01 16.18
CA ALA C 270 -24.70 14.99 15.53
C ALA C 270 -25.43 13.68 15.35
N MET C 271 -26.37 13.37 16.25
CA MET C 271 -27.24 12.22 16.08
C MET C 271 -27.98 12.28 14.75
N ILE C 272 -28.53 13.45 14.41
CA ILE C 272 -29.29 13.59 13.18
C ILE C 272 -28.37 13.42 11.96
N THR C 273 -27.18 14.00 12.02
CA THR C 273 -26.27 13.88 10.88
C THR C 273 -25.84 12.43 10.68
N ALA C 274 -25.55 11.72 11.77
CA ALA C 274 -25.22 10.30 11.65
C ALA C 274 -26.42 9.51 11.13
N PHE C 275 -27.62 9.84 11.61
CA PHE C 275 -28.83 9.16 11.14
C PHE C 275 -28.97 9.30 9.63
N VAL C 276 -28.68 10.49 9.10
CA VAL C 276 -28.91 10.72 7.68
C VAL C 276 -27.79 10.14 6.84
N THR C 277 -26.55 10.51 7.14
CA THR C 277 -25.41 10.11 6.31
C THR C 277 -25.03 8.65 6.48
N ARG C 278 -25.65 7.94 7.44
CA ARG C 278 -25.42 6.52 7.71
C ARG C 278 -23.96 6.13 7.56
N SER C 279 -23.09 6.82 8.30
CA SER C 279 -21.65 6.55 8.25
C SER C 279 -21.02 7.09 9.52
N SER C 280 -20.37 6.22 10.29
CA SER C 280 -19.73 6.65 11.52
C SER C 280 -18.49 7.50 11.23
N SER C 281 -17.56 6.95 10.45
CA SER C 281 -16.30 7.64 10.17
C SER C 281 -16.47 8.82 9.22
N GLY C 282 -17.68 9.15 8.81
CA GLY C 282 -17.95 10.31 8.00
C GLY C 282 -18.56 11.48 8.75
N THR C 283 -18.71 11.37 10.06
CA THR C 283 -19.26 12.45 10.88
C THR C 283 -18.36 12.79 12.06
N LEU C 284 -17.07 12.48 11.96
CA LEU C 284 -16.14 12.81 13.04
C LEU C 284 -16.02 14.32 13.29
N PRO C 285 -15.93 15.19 12.28
CA PRO C 285 -15.90 16.62 12.60
C PRO C 285 -17.13 17.09 13.35
N VAL C 286 -18.32 16.63 12.95
CA VAL C 286 -19.53 17.08 13.61
C VAL C 286 -19.58 16.59 15.05
N THR C 287 -19.26 15.31 15.28
CA THR C 287 -19.32 14.81 16.65
C THR C 287 -18.24 15.42 17.53
N MET C 288 -17.07 15.73 16.97
CA MET C 288 -16.03 16.33 17.80
C MET C 288 -16.34 17.80 18.08
N ARG C 289 -16.92 18.51 17.12
CA ARG C 289 -17.32 19.89 17.35
C ARG C 289 -18.61 20.02 18.15
N VAL C 290 -19.33 18.92 18.37
CA VAL C 290 -20.42 18.93 19.35
C VAL C 290 -19.97 18.38 20.71
N ALA C 291 -18.85 17.67 20.76
CA ALA C 291 -18.29 17.28 22.05
C ALA C 291 -17.48 18.40 22.68
N GLU C 292 -16.77 19.18 21.87
CA GLU C 292 -15.95 20.27 22.43
C GLU C 292 -16.78 21.50 22.73
N GLU C 293 -17.48 22.04 21.73
CA GLU C 293 -18.17 23.31 21.90
C GLU C 293 -19.40 23.19 22.80
N GLU C 294 -20.06 22.03 22.80
CA GLU C 294 -21.30 21.86 23.54
C GLU C 294 -21.17 20.92 24.73
N MET C 295 -20.69 19.69 24.51
CA MET C 295 -20.55 18.74 25.61
C MET C 295 -19.55 19.24 26.64
N GLY C 296 -18.43 19.79 26.18
CA GLY C 296 -17.49 20.42 27.08
C GLY C 296 -16.45 19.50 27.70
N VAL C 297 -15.66 18.83 26.85
CA VAL C 297 -14.58 17.96 27.30
C VAL C 297 -13.29 18.44 26.65
N ASP C 298 -12.20 18.44 27.41
CA ASP C 298 -10.93 18.91 26.88
C ASP C 298 -10.41 17.95 25.83
N LYS C 299 -9.38 18.40 25.10
CA LYS C 299 -8.85 17.65 23.97
C LYS C 299 -8.40 16.24 24.36
N GLY C 300 -7.92 16.06 25.58
CA GLY C 300 -7.36 14.77 25.96
C GLY C 300 -8.32 13.60 25.83
N ILE C 301 -9.62 13.89 25.83
CA ILE C 301 -10.61 12.83 25.74
C ILE C 301 -11.29 12.78 24.37
N PHE C 302 -11.77 13.89 23.83
CA PHE C 302 -12.47 13.85 22.56
C PHE C 302 -11.53 13.86 21.37
N SER C 303 -10.22 13.90 21.61
CA SER C 303 -9.25 13.75 20.53
C SER C 303 -8.73 12.33 20.40
N PHE C 304 -9.03 11.46 21.36
CA PHE C 304 -8.66 10.05 21.29
C PHE C 304 -9.88 9.13 21.30
N THR C 305 -10.76 9.27 22.29
CA THR C 305 -11.86 8.32 22.43
C THR C 305 -12.80 8.38 21.23
N LEU C 306 -13.22 9.58 20.83
CA LEU C 306 -14.16 9.72 19.72
C LEU C 306 -13.55 9.30 18.39
N PRO C 307 -12.28 9.61 18.11
CA PRO C 307 -11.66 8.99 16.93
C PRO C 307 -11.59 7.48 17.00
N LEU C 308 -11.43 6.93 18.21
CA LEU C 308 -11.43 5.48 18.37
C LEU C 308 -12.87 4.94 18.36
N GLY C 309 -13.73 5.51 19.21
CA GLY C 309 -15.08 4.99 19.34
C GLY C 309 -15.86 4.98 18.05
N ALA C 310 -15.63 5.97 17.18
CA ALA C 310 -16.35 6.03 15.93
C ALA C 310 -15.82 5.05 14.89
N THR C 311 -14.98 4.10 15.30
CA THR C 311 -14.45 3.13 14.34
C THR C 311 -14.58 1.71 14.88
N ILE C 312 -14.55 1.55 16.20
CA ILE C 312 -14.71 0.24 16.82
C ILE C 312 -15.98 0.16 17.66
N ASN C 313 -16.32 1.21 18.40
CA ASN C 313 -17.50 1.19 19.25
C ASN C 313 -18.72 1.33 18.36
N MET C 314 -19.34 0.21 18.02
CA MET C 314 -20.54 0.20 17.18
C MET C 314 -21.60 -0.62 17.89
N ASP C 315 -22.49 0.07 18.61
CA ASP C 315 -23.61 -0.59 19.28
C ASP C 315 -24.78 -0.82 18.34
N GLY C 316 -25.08 0.16 17.49
CA GLY C 316 -26.15 -0.02 16.53
C GLY C 316 -25.88 -1.17 15.57
N THR C 317 -24.69 -1.18 14.97
CA THR C 317 -24.32 -2.27 14.07
C THR C 317 -24.32 -3.61 14.79
N ALA C 318 -23.86 -3.63 16.03
CA ALA C 318 -23.84 -4.87 16.79
C ALA C 318 -25.25 -5.39 17.04
N LEU C 319 -26.17 -4.49 17.40
CA LEU C 319 -27.56 -4.92 17.61
C LEU C 319 -28.21 -5.35 16.31
N TYR C 320 -27.89 -4.67 15.21
CA TYR C 320 -28.40 -5.05 13.91
C TYR C 320 -27.95 -6.46 13.54
N GLN C 321 -26.66 -6.76 13.74
CA GLN C 321 -26.18 -8.11 13.47
C GLN C 321 -26.80 -9.12 14.42
N GLY C 322 -26.99 -8.75 15.68
CA GLY C 322 -27.57 -9.67 16.64
C GLY C 322 -29.00 -10.04 16.32
N VAL C 323 -29.77 -9.08 15.79
CA VAL C 323 -31.14 -9.40 15.40
C VAL C 323 -31.17 -10.09 14.04
N THR C 324 -30.26 -9.76 13.14
CA THR C 324 -30.30 -10.34 11.79
C THR C 324 -29.85 -11.79 11.80
N VAL C 325 -28.86 -12.14 12.63
CA VAL C 325 -28.46 -13.53 12.76
C VAL C 325 -29.62 -14.39 13.24
N LEU C 326 -30.33 -13.90 14.26
CA LEU C 326 -31.48 -14.65 14.76
C LEU C 326 -32.59 -14.71 13.73
N PHE C 327 -32.78 -13.63 12.96
CA PHE C 327 -33.75 -13.65 11.87
C PHE C 327 -33.44 -14.75 10.87
N VAL C 328 -32.19 -14.78 10.38
CA VAL C 328 -31.80 -15.77 9.39
C VAL C 328 -31.94 -17.18 9.95
N ALA C 329 -31.52 -17.37 11.21
CA ALA C 329 -31.62 -18.69 11.82
C ALA C 329 -33.06 -19.13 12.00
N ASN C 330 -33.96 -18.19 12.29
CA ASN C 330 -35.35 -18.54 12.50
C ASN C 330 -36.09 -18.72 11.18
N ALA C 331 -35.57 -18.14 10.10
CA ALA C 331 -36.26 -18.20 8.82
C ALA C 331 -36.18 -19.61 8.24
N ILE C 332 -35.00 -20.23 8.24
CA ILE C 332 -34.83 -21.53 7.60
C ILE C 332 -35.07 -22.70 8.55
N GLY C 333 -35.48 -22.44 9.78
CA GLY C 333 -35.91 -23.49 10.67
C GLY C 333 -34.92 -23.92 11.74
N HIS C 334 -34.09 -23.01 12.26
CA HIS C 334 -33.12 -23.33 13.30
C HIS C 334 -33.00 -22.16 14.27
N PRO C 335 -33.97 -21.98 15.17
CA PRO C 335 -33.85 -20.93 16.17
C PRO C 335 -32.71 -21.23 17.14
N LEU C 336 -31.95 -20.19 17.48
CA LEU C 336 -30.78 -20.38 18.32
C LEU C 336 -31.18 -20.69 19.76
N THR C 337 -30.22 -21.20 20.53
CA THR C 337 -30.41 -21.59 21.92
C THR C 337 -29.48 -20.77 22.81
N LEU C 338 -29.43 -21.16 24.09
CA LEU C 338 -28.60 -20.43 25.05
C LEU C 338 -27.13 -20.45 24.67
N GLY C 339 -26.62 -21.61 24.26
CA GLY C 339 -25.23 -21.67 23.84
C GLY C 339 -24.97 -20.91 22.56
N GLN C 340 -25.87 -21.04 21.59
CA GLN C 340 -25.74 -20.25 20.37
C GLN C 340 -25.90 -18.77 20.67
N GLN C 341 -26.73 -18.40 21.64
CA GLN C 341 -26.83 -17.01 22.05
C GLN C 341 -25.52 -16.51 22.65
N LEU C 342 -24.90 -17.31 23.50
CA LEU C 342 -23.65 -16.92 24.15
C LEU C 342 -22.45 -17.03 23.22
N VAL C 343 -22.60 -17.62 22.04
CA VAL C 343 -21.51 -17.59 21.08
C VAL C 343 -21.74 -16.45 20.09
N VAL C 344 -23.00 -16.12 19.81
CA VAL C 344 -23.25 -15.02 18.89
C VAL C 344 -23.00 -13.68 19.58
N VAL C 345 -23.23 -13.59 20.89
CA VAL C 345 -22.88 -12.37 21.59
C VAL C 345 -21.36 -12.20 21.61
N LEU C 346 -20.62 -13.30 21.53
CA LEU C 346 -19.16 -13.21 21.53
C LEU C 346 -18.63 -12.87 20.14
N THR C 347 -19.27 -13.37 19.08
CA THR C 347 -18.76 -13.13 17.73
C THR C 347 -19.29 -11.86 17.10
N ALA C 348 -20.47 -11.37 17.52
CA ALA C 348 -21.00 -10.12 16.96
C ALA C 348 -20.15 -8.94 17.39
N VAL C 349 -19.62 -8.97 18.61
CA VAL C 349 -18.71 -7.92 19.06
C VAL C 349 -17.51 -7.82 18.14
N LEU C 350 -16.84 -8.96 17.90
CA LEU C 350 -15.65 -8.98 17.08
C LEU C 350 -15.95 -8.85 15.59
N ALA C 351 -17.21 -8.97 15.18
CA ALA C 351 -17.58 -8.72 13.79
C ALA C 351 -18.05 -7.31 13.54
N SER C 352 -18.51 -6.60 14.57
CA SER C 352 -18.86 -5.19 14.44
C SER C 352 -17.67 -4.28 14.72
N ILE C 353 -16.78 -4.67 15.64
CA ILE C 353 -15.61 -3.86 15.94
C ILE C 353 -14.72 -3.72 14.73
N GLY C 354 -14.51 -4.82 13.99
CA GLY C 354 -13.68 -4.78 12.81
C GLY C 354 -14.34 -4.20 11.58
N THR C 355 -15.48 -3.55 11.74
CA THR C 355 -16.20 -2.95 10.62
C THR C 355 -15.73 -1.52 10.41
N ALA C 356 -15.47 -1.16 9.15
CA ALA C 356 -15.11 0.21 8.82
C ALA C 356 -16.33 1.12 8.94
N GLY C 357 -16.07 2.38 9.27
CA GLY C 357 -17.15 3.34 9.43
C GLY C 357 -17.64 3.92 8.13
N VAL C 358 -18.07 3.04 7.22
CA VAL C 358 -18.56 3.46 5.91
C VAL C 358 -19.97 2.89 5.75
N PRO C 359 -20.80 3.53 4.93
CA PRO C 359 -22.16 3.02 4.72
C PRO C 359 -22.15 1.61 4.15
N GLY C 360 -23.23 0.89 4.44
CA GLY C 360 -23.43 -0.44 3.89
C GLY C 360 -22.40 -1.48 4.30
N ALA C 361 -21.66 -1.21 5.38
CA ALA C 361 -20.67 -2.13 5.88
C ALA C 361 -21.17 -2.99 7.03
N GLY C 362 -22.39 -2.73 7.52
CA GLY C 362 -22.99 -3.61 8.51
C GLY C 362 -23.60 -4.87 7.94
N ALA C 363 -23.90 -4.87 6.64
CA ALA C 363 -24.36 -6.06 5.94
C ALA C 363 -23.19 -6.86 5.39
N ILE C 364 -22.11 -6.20 4.98
CA ILE C 364 -20.93 -6.90 4.50
C ILE C 364 -20.35 -7.77 5.61
N MET C 365 -20.11 -7.18 6.78
CA MET C 365 -19.57 -7.94 7.90
C MET C 365 -20.58 -8.90 8.51
N LEU C 366 -21.83 -8.86 8.08
CA LEU C 366 -22.80 -9.87 8.52
C LEU C 366 -22.40 -11.27 8.06
N ALA C 367 -21.52 -11.36 7.06
CA ALA C 367 -21.01 -12.67 6.64
C ALA C 367 -20.17 -13.30 7.74
N MET C 368 -19.26 -12.51 8.33
CA MET C 368 -18.33 -13.03 9.33
C MET C 368 -19.05 -13.46 10.61
N VAL C 369 -20.34 -13.20 10.70
CA VAL C 369 -21.14 -13.67 11.82
C VAL C 369 -22.17 -14.73 11.39
N LEU C 370 -22.65 -14.70 10.15
CA LEU C 370 -23.45 -15.79 9.64
C LEU C 370 -22.59 -17.03 9.40
N GLN C 371 -21.41 -16.85 8.80
CA GLN C 371 -20.45 -17.93 8.66
C GLN C 371 -19.96 -18.42 10.02
N SER C 372 -20.03 -17.58 11.04
CA SER C 372 -19.56 -17.95 12.37
C SER C 372 -20.48 -18.97 13.00
N VAL C 373 -21.76 -18.62 13.17
CA VAL C 373 -22.71 -19.54 13.79
C VAL C 373 -23.37 -20.42 12.73
N GLY C 374 -22.70 -21.53 12.39
CA GLY C 374 -23.31 -22.58 11.60
C GLY C 374 -23.58 -22.29 10.14
N LEU C 375 -24.20 -21.15 9.84
CA LEU C 375 -24.73 -20.91 8.51
C LEU C 375 -23.61 -20.79 7.48
N ASP C 376 -23.95 -21.08 6.23
CA ASP C 376 -23.05 -20.94 5.11
C ASP C 376 -23.40 -19.68 4.31
N LEU C 377 -22.72 -19.47 3.19
CA LEU C 377 -22.94 -18.27 2.39
C LEU C 377 -22.97 -18.53 0.89
N THR C 378 -22.99 -19.79 0.45
CA THR C 378 -23.00 -20.07 -0.97
C THR C 378 -24.33 -19.67 -1.59
N PRO C 379 -24.34 -19.16 -2.82
CA PRO C 379 -25.60 -18.70 -3.42
C PRO C 379 -26.63 -19.80 -3.66
N GLY C 380 -26.26 -21.07 -3.50
CA GLY C 380 -27.21 -22.14 -3.71
C GLY C 380 -28.16 -22.34 -2.55
N SER C 381 -27.73 -22.03 -1.33
CA SER C 381 -28.56 -22.23 -0.16
C SER C 381 -29.59 -21.11 -0.04
N PRO C 382 -30.72 -21.38 0.63
CA PRO C 382 -31.68 -20.30 0.90
C PRO C 382 -31.13 -19.18 1.77
N VAL C 383 -30.01 -19.43 2.47
CA VAL C 383 -29.39 -18.39 3.26
C VAL C 383 -28.98 -17.22 2.37
N ALA C 384 -28.65 -17.48 1.11
CA ALA C 384 -28.41 -16.40 0.17
C ALA C 384 -29.67 -15.57 -0.05
N LEU C 385 -30.83 -16.23 -0.12
CA LEU C 385 -32.08 -15.52 -0.32
C LEU C 385 -32.40 -14.65 0.91
N ALA C 386 -32.23 -15.20 2.10
CA ALA C 386 -32.44 -14.41 3.31
C ALA C 386 -31.44 -13.25 3.38
N TYR C 387 -30.20 -13.48 2.96
CA TYR C 387 -29.19 -12.45 2.98
C TYR C 387 -29.55 -11.31 2.04
N ALA C 388 -30.05 -11.64 0.85
CA ALA C 388 -30.50 -10.59 -0.06
C ALA C 388 -31.73 -9.88 0.48
N MET C 389 -32.63 -10.62 1.14
CA MET C 389 -33.80 -9.99 1.73
C MET C 389 -33.41 -8.98 2.79
N ILE C 390 -32.35 -9.27 3.55
CA ILE C 390 -31.86 -8.31 4.53
C ILE C 390 -31.17 -7.14 3.84
N LEU C 391 -30.24 -7.44 2.93
CA LEU C 391 -29.53 -6.40 2.20
C LEU C 391 -30.48 -5.45 1.49
N GLY C 392 -31.71 -5.87 1.24
CA GLY C 392 -32.74 -4.99 0.75
C GLY C 392 -32.95 -3.75 1.61
N ILE C 393 -33.34 -3.95 2.87
CA ILE C 393 -33.63 -2.83 3.77
C ILE C 393 -32.40 -2.53 4.62
N ASP C 394 -31.25 -3.05 4.21
CA ASP C 394 -29.97 -2.68 4.78
C ASP C 394 -29.85 -1.17 4.96
N ALA C 395 -30.35 -0.39 4.00
CA ALA C 395 -30.26 1.06 4.09
C ALA C 395 -31.09 1.61 5.24
N ILE C 396 -32.35 1.17 5.34
CA ILE C 396 -33.23 1.69 6.37
C ILE C 396 -32.80 1.20 7.75
N LEU C 397 -32.02 0.13 7.82
CA LEU C 397 -31.47 -0.28 9.11
C LEU C 397 -30.18 0.46 9.45
N ASP C 398 -29.36 0.73 8.44
CA ASP C 398 -28.12 1.46 8.66
C ASP C 398 -28.40 2.89 9.10
N MET C 399 -29.41 3.53 8.51
CA MET C 399 -29.70 4.92 8.82
C MET C 399 -30.11 5.12 10.27
N GLY C 400 -30.35 4.02 10.99
CA GLY C 400 -30.62 4.10 12.41
C GLY C 400 -29.47 3.60 13.26
N ARG C 401 -28.83 2.52 12.80
CA ARG C 401 -27.77 1.95 13.60
C ARG C 401 -26.55 2.87 13.63
N THR C 402 -26.33 3.66 12.58
CA THR C 402 -25.24 4.63 12.63
C THR C 402 -25.51 5.72 13.67
N MET C 403 -26.75 6.20 13.73
CA MET C 403 -27.12 7.19 14.74
C MET C 403 -26.90 6.64 16.14
N VAL C 404 -27.30 5.39 16.37
CA VAL C 404 -27.11 4.81 17.69
C VAL C 404 -25.62 4.63 17.99
N ASN C 405 -24.83 4.28 16.98
CA ASN C 405 -23.39 4.18 17.15
C ASN C 405 -22.80 5.50 17.63
N VAL C 406 -23.14 6.59 16.95
CA VAL C 406 -22.56 7.88 17.31
C VAL C 406 -23.06 8.35 18.68
N THR C 407 -24.33 8.10 18.98
CA THR C 407 -24.85 8.45 20.31
C THR C 407 -24.10 7.69 21.40
N GLY C 408 -23.83 6.40 21.18
CA GLY C 408 -23.06 5.65 22.14
C GLY C 408 -21.63 6.13 22.26
N ASP C 409 -21.04 6.55 21.15
CA ASP C 409 -19.70 7.13 21.18
C ASP C 409 -19.66 8.36 22.07
N LEU C 410 -20.63 9.26 21.89
CA LEU C 410 -20.68 10.47 22.69
C LEU C 410 -20.95 10.15 24.16
N ALA C 411 -21.85 9.20 24.43
CA ALA C 411 -22.10 8.80 25.82
C ALA C 411 -20.83 8.26 26.47
N GLY C 412 -20.10 7.41 25.75
CA GLY C 412 -18.88 6.84 26.30
C GLY C 412 -17.81 7.88 26.57
N THR C 413 -17.61 8.80 25.62
CA THR C 413 -16.58 9.82 25.86
C THR C 413 -16.99 10.75 27.00
N VAL C 414 -18.28 11.06 27.10
CA VAL C 414 -18.74 11.91 28.20
C VAL C 414 -18.56 11.21 29.54
N ILE C 415 -18.80 9.90 29.58
CA ILE C 415 -18.65 9.17 30.84
C ILE C 415 -17.19 9.07 31.23
N VAL C 416 -16.32 8.73 30.28
CA VAL C 416 -14.88 8.65 30.58
C VAL C 416 -14.35 10.01 31.01
N ALA C 417 -14.91 11.10 30.49
CA ALA C 417 -14.53 12.41 30.98
C ALA C 417 -15.10 12.67 32.38
N LYS C 418 -16.30 12.18 32.66
CA LYS C 418 -16.92 12.38 33.97
C LYS C 418 -16.18 11.60 35.05
N THR C 419 -15.46 10.54 34.69
CA THR C 419 -14.59 9.87 35.65
C THR C 419 -13.25 10.57 35.78
N GLU C 420 -12.85 11.34 34.76
CA GLU C 420 -11.59 12.10 34.78
C GLU C 420 -11.80 13.55 35.18
N LYS C 421 -13.03 13.93 35.55
CA LYS C 421 -13.35 15.28 36.03
C LYS C 421 -13.04 16.36 35.00
N GLU C 422 -13.11 16.06 33.70
CA GLU C 422 -12.74 17.00 32.66
C GLU C 422 -13.93 17.76 32.08
N LEU C 423 -15.13 17.53 32.59
CA LEU C 423 -16.32 18.17 32.05
C LEU C 423 -16.26 19.69 32.21
N ASP C 424 -16.93 20.38 31.29
CA ASP C 424 -17.18 21.81 31.40
C ASP C 424 -18.53 21.98 32.11
N GLU C 425 -18.47 21.92 33.45
CA GLU C 425 -19.66 21.94 34.29
C GLU C 425 -20.57 23.15 34.06
N SER C 426 -20.09 24.18 33.36
CA SER C 426 -20.92 25.37 33.15
C SER C 426 -22.11 25.07 32.24
N LYS C 427 -21.92 24.25 31.22
CA LYS C 427 -23.01 23.92 30.30
C LYS C 427 -24.18 23.26 31.02
N TRP C 428 -23.88 22.39 31.99
CA TRP C 428 -24.94 21.69 32.70
C TRP C 428 -25.80 22.64 33.52
N ILE C 429 -25.18 23.49 34.33
CA ILE C 429 -25.94 24.43 35.15
C ILE C 429 -26.53 25.49 34.21
N SER C 430 -27.63 26.11 34.63
CA SER C 430 -28.30 27.11 33.82
C SER C 430 -29.14 28.04 34.69
N ASP D . 16.50 -15.31 11.58
CA ASP D . 16.58 -14.92 10.17
C ASP D . 17.11 -13.50 10.04
O ASP D . 18.23 -13.20 10.48
CB ASP D . 15.22 -15.04 9.51
CG ASP D . 14.64 -16.43 9.59
OD1 ASP D . 13.44 -16.57 9.87
OD2 ASP D . 15.42 -17.39 9.39
OXT ASP D . 16.44 -12.63 9.50
N ASP E . 3.98 6.98 -24.30
CA ASP E . 2.95 7.09 -23.28
C ASP E . 3.16 8.33 -22.42
O ASP E . 3.79 9.29 -22.86
CB ASP E . 2.94 5.84 -22.40
CG ASP E . 2.79 4.57 -23.21
OD1 ASP E . 3.57 3.62 -22.97
OD2 ASP E . 1.92 4.52 -24.09
OXT ASP E . 2.72 8.39 -21.28
N ASP F . -23.04 2.86 9.40
CA ASP F . -22.25 1.86 10.10
C ASP F . -21.20 2.52 10.97
O ASP F . -21.51 3.09 12.02
CB ASP F . -21.59 0.91 9.11
CG ASP F . -22.59 0.20 8.22
OD1 ASP F . -22.47 0.29 6.99
OD2 ASP F . -23.51 -0.43 8.77
OXT ASP F . -20.00 2.51 10.66
#